data_6S4N
#
_entry.id   6S4N
#
_cell.length_a   55.433
_cell.length_b   109.398
_cell.length_c   88.980
_cell.angle_alpha   90.000
_cell.angle_beta   90.878
_cell.angle_gamma   90.000
#
_symmetry.space_group_name_H-M   'P 1 21 1'
#
loop_
_entity.id
_entity.type
_entity.pdbx_description
1 polymer 'Oxysterols receptor LXR-beta'
2 non-polymer '2-[5-chloranyl-6-[4-[[1,1,3-tris(oxidanylidene)-5-phenyl-2-propan-2-yl-1,2-thiazol-4-yl]amino]piperidin-1-yl]pyridin-3-yl]ethanoic acid'
3 non-polymer 'SULFATE ION'
4 water water
#
_entity_poly.entity_id   1
_entity_poly.type   'polypeptide(L)'
_entity_poly.pdbx_seq_one_letter_code
;GVQLTAAQELMIQQLVAAQLQCNKRSFSDQPKVTPWPLGADPQSRDARQQRFAHFTELAIISVQEIVDFAKQVPGFLQLG
REDQIALLKASTIEIMLLETARRYNHETECITFLKDFTYSKDDFHRAGLQVEFINPIFEFSRAMRRLGLDDAEYALLIAI
NIFSADRPNVQEPGRVEALQQPYVEALLSYTRIKRPQDQLRFPRMLMKLVSLRTLSSVHSEQVFALRLQDKKLPPLLSEI
WDVHE
;
_entity_poly.pdbx_strand_id   D,A,B,C
#
# COMPACT_ATOMS: atom_id res chain seq x y z
N GLN A 3 -21.70 -27.47 7.30
CA GLN A 3 -22.82 -26.73 6.64
C GLN A 3 -22.89 -26.89 5.12
N LEU A 4 -21.79 -27.23 4.48
CA LEU A 4 -21.84 -27.73 3.09
C LEU A 4 -22.93 -28.78 2.92
N THR A 5 -23.72 -28.65 1.85
CA THR A 5 -24.66 -29.70 1.45
C THR A 5 -23.91 -30.84 0.78
N ALA A 6 -24.56 -31.99 0.68
CA ALA A 6 -24.00 -33.15 -0.04
C ALA A 6 -23.59 -32.78 -1.46
N ALA A 7 -24.45 -32.05 -2.16
CA ALA A 7 -24.19 -31.60 -3.52
C ALA A 7 -22.93 -30.74 -3.62
N GLN A 8 -22.77 -29.83 -2.66
CA GLN A 8 -21.60 -28.95 -2.60
C GLN A 8 -20.31 -29.72 -2.31
N GLU A 9 -20.37 -30.62 -1.33
CA GLU A 9 -19.21 -31.47 -1.00
C GLU A 9 -18.79 -32.33 -2.18
N LEU A 10 -19.77 -32.93 -2.87
CA LEU A 10 -19.50 -33.74 -4.04
C LEU A 10 -18.89 -32.92 -5.17
N MET A 11 -19.48 -31.73 -5.44
CA MET A 11 -18.95 -30.85 -6.47
C MET A 11 -17.48 -30.52 -6.19
N ILE A 12 -17.18 -30.12 -4.96
CA ILE A 12 -15.84 -29.67 -4.62
C ILE A 12 -14.83 -30.80 -4.72
N GLN A 13 -15.18 -31.95 -4.14
CA GLN A 13 -14.25 -33.11 -4.15
C GLN A 13 -13.97 -33.55 -5.57
N GLN A 14 -15.02 -33.56 -6.41
CA GLN A 14 -14.86 -33.93 -7.81
C GLN A 14 -13.95 -32.98 -8.58
N LEU A 15 -14.12 -31.68 -8.36
CA LEU A 15 -13.27 -30.68 -9.04
C LEU A 15 -11.82 -30.81 -8.64
N VAL A 16 -11.56 -30.96 -7.34
CA VAL A 16 -10.18 -31.08 -6.84
C VAL A 16 -9.53 -32.35 -7.41
N ALA A 17 -10.27 -33.46 -7.36
CA ALA A 17 -9.78 -34.73 -7.93
C ALA A 17 -9.50 -34.62 -9.43
N ALA A 18 -10.39 -33.96 -10.15
CA ALA A 18 -10.23 -33.75 -11.59
C ALA A 18 -8.99 -32.94 -11.92
N GLN A 19 -8.75 -31.89 -11.13
CA GLN A 19 -7.55 -31.05 -11.30
C GLN A 19 -6.28 -31.82 -11.05
N LEU A 20 -6.28 -32.65 -10.00
CA LEU A 20 -5.14 -33.51 -9.67
C LEU A 20 -4.83 -34.47 -10.82
N GLN A 21 -5.87 -35.14 -11.33
CA GLN A 21 -5.71 -36.12 -12.41
C GLN A 21 -5.24 -35.47 -13.73
N CYS A 22 -5.81 -34.30 -14.06
CA CYS A 22 -5.40 -33.55 -15.25
C CYS A 22 -3.94 -33.10 -15.15
N ASN A 23 -3.54 -32.68 -13.97
CA ASN A 23 -2.17 -32.23 -13.71
C ASN A 23 -1.17 -33.36 -13.75
N LYS A 24 -1.55 -34.55 -13.32
CA LYS A 24 -0.71 -35.75 -13.46
C LYS A 24 -0.40 -36.11 -14.93
N ARG A 25 -1.33 -35.80 -15.83
CA ARG A 25 -1.12 -36.03 -17.28
C ARG A 25 -0.23 -34.96 -17.92
N SER A 26 -0.25 -33.75 -17.38
CA SER A 26 0.68 -32.67 -17.78
C SER A 26 2.14 -32.99 -17.40
N PHE A 27 2.32 -33.54 -16.19
CA PHE A 27 3.66 -33.83 -15.65
C PHE A 27 4.34 -34.98 -16.43
N SER A 28 3.52 -35.92 -16.92
CA SER A 28 3.98 -36.95 -17.85
C SER A 28 4.48 -36.35 -19.17
N ASP A 29 3.96 -35.19 -19.57
CA ASP A 29 4.43 -34.50 -20.77
C ASP A 29 5.71 -33.69 -20.60
N GLN A 30 6.19 -33.51 -19.37
CA GLN A 30 7.39 -32.71 -19.10
C GLN A 30 8.60 -33.05 -19.96
N PRO A 31 8.95 -34.35 -20.12
CA PRO A 31 10.08 -34.68 -21.01
C PRO A 31 10.02 -34.20 -22.47
N LYS A 32 8.84 -33.85 -22.98
CA LYS A 32 8.66 -33.34 -24.32
C LYS A 32 9.23 -31.95 -24.50
N VAL A 33 8.94 -31.05 -23.56
CA VAL A 33 9.24 -29.61 -23.68
C VAL A 33 10.71 -29.35 -24.03
N THR A 34 10.95 -28.44 -24.98
CA THR A 34 12.32 -27.95 -25.27
C THR A 34 12.99 -27.45 -23.99
N PRO A 35 14.26 -27.85 -23.74
CA PRO A 35 14.86 -27.50 -22.44
C PRO A 35 15.14 -26.00 -22.34
N TRP A 36 15.18 -25.51 -21.11
CA TRP A 36 15.63 -24.16 -20.82
C TRP A 36 17.15 -24.11 -20.92
N PRO A 37 17.71 -23.22 -21.77
CA PRO A 37 19.17 -23.14 -21.93
C PRO A 37 20.10 -23.24 -20.69
N SER A 44 22.80 -15.26 -27.40
CA SER A 44 22.70 -16.23 -28.50
C SER A 44 21.29 -16.29 -29.11
N ARG A 45 21.23 -16.30 -30.45
CA ARG A 45 19.95 -16.37 -31.18
C ARG A 45 19.23 -17.67 -30.87
N ASP A 46 19.97 -18.79 -31.02
CA ASP A 46 19.46 -20.11 -30.67
C ASP A 46 18.89 -20.14 -29.26
N ALA A 47 19.67 -19.70 -28.28
CA ALA A 47 19.22 -19.65 -26.87
C ALA A 47 17.95 -18.81 -26.67
N ARG A 48 17.90 -17.64 -27.33
CA ARG A 48 16.71 -16.77 -27.28
C ARG A 48 15.45 -17.49 -27.80
N GLN A 49 15.63 -18.19 -28.91
CA GLN A 49 14.50 -18.89 -29.53
C GLN A 49 14.10 -20.12 -28.71
N GLN A 50 15.09 -20.79 -28.12
CA GLN A 50 14.89 -21.94 -27.23
C GLN A 50 14.12 -21.55 -25.99
N ARG A 51 14.42 -20.39 -25.39
CA ARG A 51 13.69 -19.90 -24.22
C ARG A 51 12.20 -19.62 -24.55
N PHE A 52 11.99 -18.96 -25.69
CA PHE A 52 10.65 -18.67 -26.18
C PHE A 52 9.86 -19.95 -26.50
N ALA A 53 10.51 -20.88 -27.18
CA ALA A 53 9.93 -22.20 -27.49
C ALA A 53 9.54 -22.93 -26.24
N HIS A 54 10.42 -22.93 -25.23
CA HIS A 54 10.17 -23.56 -23.93
C HIS A 54 8.89 -23.01 -23.30
N PHE A 55 8.75 -21.68 -23.28
CA PHE A 55 7.59 -21.05 -22.65
C PHE A 55 6.28 -21.36 -23.41
N THR A 56 6.33 -21.31 -24.74
CA THR A 56 5.15 -21.62 -25.55
C THR A 56 4.76 -23.10 -25.46
N GLU A 57 5.74 -23.98 -25.28
CA GLU A 57 5.47 -25.42 -25.10
C GLU A 57 4.87 -25.73 -23.75
N LEU A 58 5.31 -25.02 -22.72
CA LEU A 58 4.65 -25.09 -21.40
C LEU A 58 3.19 -24.63 -21.52
N ALA A 59 2.96 -23.55 -22.28
CA ALA A 59 1.62 -23.03 -22.50
C ALA A 59 0.71 -24.05 -23.18
N ILE A 60 1.24 -24.77 -24.18
CA ILE A 60 0.49 -25.84 -24.86
C ILE A 60 0.06 -26.92 -23.86
N ILE A 61 0.99 -27.33 -22.99
CA ILE A 61 0.67 -28.30 -21.94
C ILE A 61 -0.44 -27.76 -21.03
N SER A 62 -0.34 -26.49 -20.65
CA SER A 62 -1.37 -25.84 -19.84
C SER A 62 -2.73 -25.82 -20.53
N VAL A 63 -2.77 -25.48 -21.83
CA VAL A 63 -4.03 -25.46 -22.59
C VAL A 63 -4.68 -26.85 -22.59
N GLN A 64 -3.87 -27.89 -22.78
CA GLN A 64 -4.39 -29.27 -22.79
C GLN A 64 -4.95 -29.67 -21.42
N GLU A 65 -4.28 -29.23 -20.34
CA GLU A 65 -4.78 -29.41 -18.98
C GLU A 65 -6.12 -28.72 -18.74
N ILE A 66 -6.24 -27.49 -19.25
CA ILE A 66 -7.45 -26.67 -19.09
C ILE A 66 -8.64 -27.31 -19.82
N VAL A 67 -8.41 -27.77 -21.04
CA VAL A 67 -9.45 -28.46 -21.83
C VAL A 67 -9.90 -29.73 -21.11
N ASP A 68 -8.93 -30.52 -20.64
CA ASP A 68 -9.21 -31.75 -19.91
C ASP A 68 -10.00 -31.50 -18.63
N PHE A 69 -9.66 -30.45 -17.91
CA PHE A 69 -10.40 -30.09 -16.70
C PHE A 69 -11.82 -29.59 -17.02
N ALA A 70 -11.93 -28.68 -18.00
CA ALA A 70 -13.22 -28.10 -18.40
C ALA A 70 -14.26 -29.18 -18.72
N LYS A 71 -13.84 -30.17 -19.49
CA LYS A 71 -14.69 -31.33 -19.81
C LYS A 71 -15.28 -32.03 -18.58
N GLN A 72 -14.54 -32.02 -17.47
CA GLN A 72 -14.97 -32.65 -16.22
C GLN A 72 -15.73 -31.74 -15.24
N VAL A 73 -15.89 -30.46 -15.58
CA VAL A 73 -16.66 -29.54 -14.76
C VAL A 73 -18.15 -29.75 -15.07
N PRO A 74 -18.96 -30.15 -14.07
CA PRO A 74 -20.38 -30.40 -14.32
C PRO A 74 -21.08 -29.21 -14.96
N GLY A 75 -21.81 -29.48 -16.05
CA GLY A 75 -22.49 -28.43 -16.81
C GLY A 75 -21.79 -28.04 -18.08
N PHE A 76 -20.46 -28.16 -18.15
CA PHE A 76 -19.73 -27.65 -19.32
C PHE A 76 -20.13 -28.35 -20.62
N LEU A 77 -20.28 -29.68 -20.56
CA LEU A 77 -20.66 -30.43 -21.77
C LEU A 77 -22.14 -30.31 -22.12
N GLN A 78 -22.94 -29.73 -21.24
CA GLN A 78 -24.35 -29.40 -21.55
C GLN A 78 -24.46 -28.19 -22.48
N LEU A 79 -23.43 -27.36 -22.54
CA LEU A 79 -23.41 -26.19 -23.43
C LEU A 79 -23.21 -26.64 -24.87
N GLY A 80 -23.65 -25.82 -25.81
CA GLY A 80 -23.35 -26.03 -27.23
C GLY A 80 -21.87 -25.91 -27.51
N ARG A 81 -21.42 -26.61 -28.55
CA ARG A 81 -19.99 -26.68 -28.87
C ARG A 81 -19.37 -25.31 -29.12
N GLU A 82 -20.13 -24.42 -29.75
CA GLU A 82 -19.67 -23.05 -30.02
C GLU A 82 -19.45 -22.24 -28.72
N ASP A 83 -20.31 -22.44 -27.74
CA ASP A 83 -20.20 -21.75 -26.45
C ASP A 83 -19.04 -22.36 -25.63
N GLN A 84 -18.88 -23.68 -25.68
CA GLN A 84 -17.71 -24.34 -25.09
C GLN A 84 -16.41 -23.72 -25.60
N ILE A 85 -16.34 -23.52 -26.92
CA ILE A 85 -15.18 -22.91 -27.56
C ILE A 85 -15.01 -21.44 -27.14
N ALA A 86 -16.10 -20.67 -27.18
CA ALA A 86 -16.06 -19.25 -26.81
C ALA A 86 -15.61 -19.04 -25.36
N LEU A 87 -16.16 -19.83 -24.45
CA LEU A 87 -15.81 -19.72 -23.03
C LEU A 87 -14.35 -20.09 -22.76
N LEU A 88 -13.91 -21.23 -23.29
CA LEU A 88 -12.52 -21.68 -23.10
C LEU A 88 -11.47 -20.80 -23.77
N LYS A 89 -11.79 -20.30 -24.97
CA LYS A 89 -10.93 -19.34 -25.66
C LYS A 89 -10.63 -18.12 -24.77
N ALA A 90 -11.66 -17.55 -24.16
CA ALA A 90 -11.49 -16.39 -23.28
C ALA A 90 -10.89 -16.75 -21.91
N SER A 91 -11.30 -17.89 -21.35
CA SER A 91 -10.86 -18.32 -20.02
C SER A 91 -9.39 -18.78 -19.93
N THR A 92 -8.87 -19.30 -21.03
CA THR A 92 -7.55 -19.95 -21.02
C THR A 92 -6.45 -19.10 -20.38
N ILE A 93 -6.27 -17.87 -20.86
CA ILE A 93 -5.24 -16.99 -20.29
C ILE A 93 -5.47 -16.72 -18.79
N GLU A 94 -6.73 -16.52 -18.41
CA GLU A 94 -7.06 -16.23 -17.03
C GLU A 94 -6.78 -17.41 -16.11
N ILE A 95 -7.08 -18.63 -16.60
CA ILE A 95 -6.77 -19.85 -15.83
C ILE A 95 -5.25 -20.04 -15.73
N MET A 96 -4.54 -19.80 -16.83
CA MET A 96 -3.06 -19.82 -16.80
C MET A 96 -2.48 -18.87 -15.75
N LEU A 97 -3.07 -17.69 -15.64
CA LEU A 97 -2.64 -16.71 -14.64
C LEU A 97 -2.94 -17.16 -13.20
N LEU A 98 -4.10 -17.79 -12.98
CA LEU A 98 -4.41 -18.37 -11.67
C LEU A 98 -3.40 -19.49 -11.33
N GLU A 99 -3.11 -20.33 -12.32
CA GLU A 99 -2.17 -21.43 -12.13
C GLU A 99 -0.73 -20.93 -11.92
N THR A 100 -0.37 -19.84 -12.61
CA THR A 100 0.90 -19.15 -12.40
C THR A 100 1.01 -18.62 -10.96
N ALA A 101 -0.04 -17.93 -10.50
CA ALA A 101 -0.10 -17.43 -9.12
C ALA A 101 0.03 -18.56 -8.08
N ARG A 102 -0.65 -19.67 -8.36
CA ARG A 102 -0.59 -20.87 -7.51
C ARG A 102 0.81 -21.42 -7.34
N ARG A 103 1.64 -21.27 -8.38
CA ARG A 103 3.01 -21.77 -8.40
C ARG A 103 4.08 -20.74 -7.95
N TYR A 104 3.64 -19.59 -7.45
CA TYR A 104 4.55 -18.52 -7.03
C TYR A 104 5.14 -18.81 -5.62
N ASN A 105 6.44 -18.64 -5.47
CA ASN A 105 7.17 -18.81 -4.21
C ASN A 105 7.69 -17.44 -3.79
N HIS A 106 7.16 -16.90 -2.70
CA HIS A 106 7.50 -15.52 -2.27
C HIS A 106 8.93 -15.34 -1.77
N GLU A 107 9.48 -16.36 -1.15
CA GLU A 107 10.87 -16.36 -0.64
C GLU A 107 11.90 -16.18 -1.74
N THR A 108 11.77 -16.97 -2.81
CA THR A 108 12.64 -16.87 -3.98
C THR A 108 12.16 -15.83 -5.01
N GLU A 109 10.87 -15.47 -4.94
CA GLU A 109 10.20 -14.63 -5.94
C GLU A 109 10.21 -15.27 -7.33
N CYS A 110 10.16 -16.62 -7.38
CA CYS A 110 10.15 -17.39 -8.60
C CYS A 110 8.88 -18.20 -8.74
N ILE A 111 8.53 -18.51 -9.99
CA ILE A 111 7.36 -19.33 -10.32
C ILE A 111 7.86 -20.69 -10.82
N THR A 112 7.31 -21.78 -10.29
CA THR A 112 7.71 -23.15 -10.66
C THR A 112 6.65 -23.88 -11.47
N PHE A 113 6.98 -24.20 -12.72
CA PHE A 113 6.10 -24.98 -13.59
C PHE A 113 6.59 -26.42 -13.71
N LEU A 114 5.65 -27.36 -13.71
CA LEU A 114 5.95 -28.80 -13.82
C LEU A 114 6.97 -29.32 -12.79
N LYS A 115 6.85 -28.86 -11.55
CA LYS A 115 7.72 -29.31 -10.46
C LYS A 115 9.11 -28.83 -10.34
N ASP A 116 9.80 -28.61 -11.45
CA ASP A 116 11.26 -28.25 -11.43
C ASP A 116 11.75 -27.25 -12.49
N PHE A 117 10.84 -26.53 -13.14
CA PHE A 117 11.21 -25.42 -14.03
C PHE A 117 10.84 -24.16 -13.29
N THR A 118 11.84 -23.51 -12.69
CA THR A 118 11.60 -22.35 -11.82
CA THR A 118 11.61 -22.34 -11.83
C THR A 118 12.15 -21.07 -12.47
N TYR A 119 11.32 -20.05 -12.54
CA TYR A 119 11.62 -18.82 -13.27
C TYR A 119 11.37 -17.56 -12.47
N SER A 120 12.33 -16.64 -12.53
CA SER A 120 12.25 -15.32 -11.93
C SER A 120 11.62 -14.33 -12.90
N LYS A 121 11.37 -13.10 -12.45
CA LYS A 121 10.95 -11.99 -13.31
C LYS A 121 11.84 -11.86 -14.55
N ASP A 122 13.15 -11.90 -14.33
CA ASP A 122 14.11 -11.74 -15.43
C ASP A 122 14.06 -12.91 -16.42
N ASP A 123 13.83 -14.12 -15.92
CA ASP A 123 13.67 -15.30 -16.80
C ASP A 123 12.46 -15.15 -17.72
N PHE A 124 11.37 -14.58 -17.21
CA PHE A 124 10.19 -14.25 -18.03
C PHE A 124 10.56 -13.28 -19.15
N HIS A 125 11.35 -12.26 -18.85
CA HIS A 125 11.84 -11.33 -19.86
C HIS A 125 12.72 -12.03 -20.88
N ARG A 126 13.62 -12.89 -20.40
CA ARG A 126 14.50 -13.67 -21.29
C ARG A 126 13.73 -14.66 -22.19
N ALA A 127 12.55 -15.09 -21.74
CA ALA A 127 11.64 -15.90 -22.55
C ALA A 127 10.87 -15.11 -23.63
N GLY A 128 11.01 -13.79 -23.66
CA GLY A 128 10.39 -12.96 -24.68
C GLY A 128 9.18 -12.16 -24.27
N LEU A 129 8.81 -12.18 -23.00
CA LEU A 129 7.68 -11.36 -22.51
C LEU A 129 8.13 -9.92 -22.19
N GLN A 130 7.21 -8.99 -22.34
CA GLN A 130 7.33 -7.58 -22.03
C GLN A 130 7.17 -7.31 -20.55
N VAL A 131 7.88 -6.31 -20.04
CA VAL A 131 7.80 -5.91 -18.63
C VAL A 131 6.39 -5.41 -18.27
N GLU A 132 5.69 -4.84 -19.25
CA GLU A 132 4.30 -4.37 -19.07
C GLU A 132 3.32 -5.50 -18.73
N PHE A 133 3.64 -6.73 -19.11
CA PHE A 133 2.86 -7.93 -18.78
C PHE A 133 3.47 -8.67 -17.58
N ILE A 134 4.80 -8.77 -17.53
CA ILE A 134 5.49 -9.48 -16.45
C ILE A 134 5.24 -8.85 -15.08
N ASN A 135 5.32 -7.52 -14.97
CA ASN A 135 5.14 -6.86 -13.68
C ASN A 135 3.73 -7.14 -13.09
N PRO A 136 2.66 -6.92 -13.88
CA PRO A 136 1.32 -7.29 -13.40
C PRO A 136 1.12 -8.78 -13.06
N ILE A 137 1.77 -9.68 -13.80
CA ILE A 137 1.72 -11.13 -13.47
C ILE A 137 2.23 -11.37 -12.06
N PHE A 138 3.38 -10.77 -11.74
CA PHE A 138 3.99 -10.96 -10.42
C PHE A 138 3.25 -10.22 -9.30
N GLU A 139 2.68 -9.06 -9.60
CA GLU A 139 1.80 -8.36 -8.65
C GLU A 139 0.56 -9.21 -8.33
N PHE A 140 -0.05 -9.78 -9.36
CA PHE A 140 -1.20 -10.67 -9.21
C PHE A 140 -0.85 -11.91 -8.40
N SER A 141 0.31 -12.51 -8.68
CA SER A 141 0.79 -13.68 -7.94
C SER A 141 0.99 -13.38 -6.44
N ARG A 142 1.61 -12.24 -6.15
CA ARG A 142 1.75 -11.74 -4.77
C ARG A 142 0.40 -11.55 -4.07
N ALA A 143 -0.54 -10.92 -4.77
CA ALA A 143 -1.90 -10.69 -4.25
C ALA A 143 -2.67 -12.00 -3.98
N MET A 144 -2.53 -12.95 -4.89
CA MET A 144 -3.15 -14.27 -4.72
C MET A 144 -2.55 -15.03 -3.54
N ARG A 145 -1.23 -14.96 -3.39
CA ARG A 145 -0.54 -15.60 -2.27
C ARG A 145 -1.08 -15.10 -0.92
N ARG A 146 -1.35 -13.81 -0.80
CA ARG A 146 -1.90 -13.23 0.42
C ARG A 146 -3.26 -13.86 0.85
N LEU A 147 -4.05 -14.31 -0.13
CA LEU A 147 -5.32 -15.00 0.18
C LEU A 147 -5.17 -16.39 0.78
N GLY A 148 -4.03 -17.04 0.56
CA GLY A 148 -3.78 -18.39 1.08
C GLY A 148 -4.81 -19.41 0.60
N LEU A 149 -5.02 -19.44 -0.71
CA LEU A 149 -6.09 -20.27 -1.29
C LEU A 149 -5.69 -21.73 -1.20
N ASP A 150 -6.65 -22.59 -0.88
CA ASP A 150 -6.41 -24.04 -0.91
C ASP A 150 -6.88 -24.63 -2.25
N ASP A 151 -6.71 -25.93 -2.41
CA ASP A 151 -7.05 -26.62 -3.67
C ASP A 151 -8.53 -26.48 -4.02
N ALA A 152 -9.41 -26.55 -3.03
CA ALA A 152 -10.85 -26.37 -3.25
C ALA A 152 -11.20 -24.99 -3.81
N GLU A 153 -10.57 -23.97 -3.23
CA GLU A 153 -10.83 -22.60 -3.64
C GLU A 153 -10.34 -22.30 -5.06
N TYR A 154 -9.14 -22.78 -5.39
CA TYR A 154 -8.61 -22.66 -6.76
C TYR A 154 -9.52 -23.36 -7.77
N ALA A 155 -9.92 -24.60 -7.46
CA ALA A 155 -10.80 -25.38 -8.34
C ALA A 155 -12.14 -24.67 -8.59
N LEU A 156 -12.75 -24.14 -7.52
CA LEU A 156 -14.00 -23.40 -7.64
C LEU A 156 -13.84 -22.10 -8.42
N LEU A 157 -12.76 -21.37 -8.16
CA LEU A 157 -12.51 -20.10 -8.87
C LEU A 157 -12.34 -20.35 -10.38
N ILE A 158 -11.70 -21.46 -10.74
CA ILE A 158 -11.54 -21.84 -12.13
C ILE A 158 -12.89 -22.16 -12.79
N ALA A 159 -13.74 -22.93 -12.10
CA ALA A 159 -15.09 -23.23 -12.60
C ALA A 159 -15.91 -21.96 -12.79
N ILE A 160 -15.84 -21.07 -11.80
CA ILE A 160 -16.55 -19.79 -11.87
C ILE A 160 -16.06 -19.01 -13.11
N ASN A 161 -14.75 -18.99 -13.31
CA ASN A 161 -14.14 -18.31 -14.45
C ASN A 161 -14.62 -18.86 -15.81
N ILE A 162 -14.69 -20.19 -15.92
CA ILE A 162 -15.13 -20.82 -17.16
C ILE A 162 -16.55 -20.39 -17.54
N PHE A 163 -17.46 -20.40 -16.57
CA PHE A 163 -18.87 -20.03 -16.81
C PHE A 163 -19.14 -18.53 -16.72
N SER A 164 -18.42 -17.76 -17.52
CA SER A 164 -18.57 -16.30 -17.58
C SER A 164 -19.45 -15.95 -18.77
N ALA A 165 -20.67 -15.53 -18.50
CA ALA A 165 -21.68 -15.30 -19.55
C ALA A 165 -21.37 -14.16 -20.53
N ASP A 166 -20.50 -13.24 -20.10
CA ASP A 166 -20.18 -12.04 -20.88
C ASP A 166 -19.02 -12.18 -21.88
N ARG A 167 -18.52 -13.40 -22.11
CA ARG A 167 -17.44 -13.62 -23.08
C ARG A 167 -17.94 -13.35 -24.48
N PRO A 168 -17.07 -12.82 -25.37
CA PRO A 168 -17.56 -12.53 -26.73
C PRO A 168 -18.03 -13.79 -27.44
N ASN A 169 -19.08 -13.66 -28.26
CA ASN A 169 -19.59 -14.75 -29.11
C ASN A 169 -20.29 -15.91 -28.37
N VAL A 170 -20.64 -15.72 -27.10
CA VAL A 170 -21.47 -16.69 -26.37
C VAL A 170 -22.91 -16.56 -26.87
N GLN A 171 -23.46 -17.67 -27.31
CA GLN A 171 -24.82 -17.75 -27.87
C GLN A 171 -25.91 -17.85 -26.81
N GLU A 172 -25.61 -18.48 -25.67
CA GLU A 172 -26.58 -18.69 -24.61
C GLU A 172 -26.10 -18.16 -23.24
N PRO A 173 -25.93 -16.83 -23.10
CA PRO A 173 -25.40 -16.26 -21.87
C PRO A 173 -26.24 -16.58 -20.61
N GLY A 174 -27.57 -16.64 -20.76
CA GLY A 174 -28.46 -17.01 -19.68
C GLY A 174 -28.17 -18.40 -19.12
N ARG A 175 -27.95 -19.36 -20.02
CA ARG A 175 -27.58 -20.71 -19.59
C ARG A 175 -26.24 -20.72 -18.87
N VAL A 176 -25.27 -20.00 -19.43
CA VAL A 176 -23.93 -19.94 -18.85
C VAL A 176 -23.99 -19.36 -17.43
N GLU A 177 -24.73 -18.25 -17.26
CA GLU A 177 -24.86 -17.61 -15.95
C GLU A 177 -25.53 -18.54 -14.93
N ALA A 178 -26.55 -19.30 -15.38
CA ALA A 178 -27.22 -20.25 -14.52
C ALA A 178 -26.26 -21.35 -14.06
N LEU A 179 -25.41 -21.85 -14.96
CA LEU A 179 -24.42 -22.85 -14.63
C LEU A 179 -23.30 -22.33 -13.71
N GLN A 180 -22.99 -21.03 -13.81
CA GLN A 180 -22.00 -20.41 -12.93
C GLN A 180 -22.46 -20.36 -11.45
N GLN A 181 -23.77 -20.11 -11.26
CA GLN A 181 -24.27 -19.77 -9.93
C GLN A 181 -23.94 -20.77 -8.79
N PRO A 182 -24.20 -22.08 -9.01
CA PRO A 182 -23.88 -23.05 -7.95
C PRO A 182 -22.41 -23.06 -7.50
N TYR A 183 -21.48 -22.71 -8.41
CA TYR A 183 -20.06 -22.63 -8.04
C TYR A 183 -19.76 -21.39 -7.16
N VAL A 184 -20.41 -20.28 -7.49
CA VAL A 184 -20.31 -19.07 -6.65
C VAL A 184 -20.88 -19.36 -5.24
N GLU A 185 -22.07 -19.97 -5.21
CA GLU A 185 -22.72 -20.38 -3.95
C GLU A 185 -21.85 -21.36 -3.12
N ALA A 186 -21.25 -22.32 -3.80
CA ALA A 186 -20.34 -23.29 -3.16
C ALA A 186 -19.10 -22.63 -2.54
N LEU A 187 -18.51 -21.70 -3.28
CA LEU A 187 -17.37 -20.95 -2.78
C LEU A 187 -17.73 -20.08 -1.56
N LEU A 188 -18.91 -19.44 -1.62
CA LEU A 188 -19.44 -18.68 -0.48
C LEU A 188 -19.55 -19.54 0.77
N SER A 189 -20.23 -20.69 0.63
CA SER A 189 -20.38 -21.64 1.73
C SER A 189 -19.03 -22.19 2.25
N TYR A 190 -18.16 -22.59 1.31
CA TYR A 190 -16.86 -23.14 1.68
C TYR A 190 -16.01 -22.14 2.50
N THR A 191 -15.91 -20.90 2.02
CA THR A 191 -15.10 -19.88 2.69
C THR A 191 -15.67 -19.48 4.06
N ARG A 192 -17.00 -19.43 4.17
CA ARG A 192 -17.65 -19.18 5.46
C ARG A 192 -17.39 -20.24 6.52
N ILE A 193 -17.24 -21.49 6.11
CA ILE A 193 -16.80 -22.59 6.95
C ILE A 193 -15.29 -22.59 7.26
N LYS A 194 -14.46 -22.45 6.23
CA LYS A 194 -13.00 -22.44 6.43
C LYS A 194 -12.44 -21.28 7.30
N ARG A 195 -12.99 -20.08 7.09
CA ARG A 195 -12.59 -18.90 7.83
C ARG A 195 -13.83 -18.14 8.31
N PRO A 196 -14.53 -18.67 9.33
CA PRO A 196 -15.74 -18.00 9.85
C PRO A 196 -15.52 -16.65 10.55
N GLN A 197 -14.26 -16.30 10.88
CA GLN A 197 -13.93 -14.97 11.38
C GLN A 197 -13.55 -13.97 10.31
N ASP A 198 -13.01 -14.46 9.18
CA ASP A 198 -12.63 -13.57 8.07
C ASP A 198 -13.68 -13.48 6.95
N GLN A 199 -14.59 -12.55 7.15
CA GLN A 199 -15.76 -12.37 6.26
C GLN A 199 -15.37 -11.68 4.94
N LEU A 200 -14.21 -11.01 4.93
CA LEU A 200 -13.75 -10.26 3.76
C LEU A 200 -12.88 -11.09 2.78
N ARG A 201 -12.55 -12.33 3.18
CA ARG A 201 -11.76 -13.16 2.30
C ARG A 201 -12.49 -13.52 1.00
N PHE A 202 -13.77 -13.86 1.14
CA PHE A 202 -14.61 -14.22 -0.01
C PHE A 202 -14.71 -13.10 -1.05
N PRO A 203 -15.12 -11.87 -0.65
CA PRO A 203 -15.14 -10.81 -1.66
C PRO A 203 -13.76 -10.52 -2.28
N ARG A 204 -12.69 -10.59 -1.48
CA ARG A 204 -11.34 -10.39 -2.00
CA ARG A 204 -11.34 -10.39 -2.00
C ARG A 204 -10.99 -11.42 -3.09
N MET A 205 -11.37 -12.67 -2.88
CA MET A 205 -11.23 -13.73 -3.89
C MET A 205 -11.96 -13.40 -5.20
N LEU A 206 -13.23 -13.01 -5.08
CA LEU A 206 -14.01 -12.66 -6.25
C LEU A 206 -13.45 -11.44 -6.98
N MET A 207 -12.88 -10.51 -6.23
CA MET A 207 -12.21 -9.36 -6.84
C MET A 207 -11.01 -9.77 -7.69
N LYS A 208 -10.40 -10.92 -7.40
CA LYS A 208 -9.33 -11.45 -8.26
C LYS A 208 -9.82 -11.80 -9.68
N LEU A 209 -11.07 -12.22 -9.81
CA LEU A 209 -11.68 -12.41 -11.13
C LEU A 209 -11.75 -11.09 -11.91
N VAL A 210 -11.93 -9.99 -11.18
CA VAL A 210 -11.90 -8.65 -11.80
C VAL A 210 -10.49 -8.39 -12.34
N SER A 211 -9.47 -8.62 -11.50
CA SER A 211 -8.07 -8.45 -11.90
C SER A 211 -7.70 -9.28 -13.12
N LEU A 212 -8.21 -10.50 -13.19
CA LEU A 212 -7.97 -11.38 -14.33
C LEU A 212 -8.45 -10.79 -15.65
N ARG A 213 -9.57 -10.09 -15.63
CA ARG A 213 -10.08 -9.44 -16.85
C ARG A 213 -9.15 -8.37 -17.36
N THR A 214 -8.61 -7.57 -16.45
CA THR A 214 -7.59 -6.60 -16.80
C THR A 214 -6.34 -7.30 -17.35
N LEU A 215 -5.91 -8.37 -16.69
CA LEU A 215 -4.72 -9.09 -17.14
C LEU A 215 -4.89 -9.70 -18.53
N SER A 216 -6.12 -10.09 -18.86
CA SER A 216 -6.45 -10.55 -20.22
C SER A 216 -6.20 -9.46 -21.26
N SER A 217 -6.56 -8.22 -20.93
CA SER A 217 -6.31 -7.08 -21.83
C SER A 217 -4.81 -6.82 -21.98
N VAL A 218 -4.07 -6.91 -20.88
CA VAL A 218 -2.62 -6.71 -20.90
C VAL A 218 -1.95 -7.82 -21.72
N HIS A 219 -2.45 -9.04 -21.57
CA HIS A 219 -1.98 -10.17 -22.37
C HIS A 219 -2.25 -9.97 -23.87
N SER A 220 -3.41 -9.42 -24.22
CA SER A 220 -3.72 -9.14 -25.63
C SER A 220 -2.71 -8.14 -26.24
N GLU A 221 -2.29 -7.17 -25.44
CA GLU A 221 -1.24 -6.23 -25.83
C GLU A 221 0.12 -6.94 -26.02
N GLN A 222 0.43 -7.88 -25.13
CA GLN A 222 1.62 -8.74 -25.27
C GLN A 222 1.58 -9.53 -26.58
N VAL A 223 0.44 -10.13 -26.90
CA VAL A 223 0.26 -10.91 -28.13
C VAL A 223 0.47 -10.02 -29.36
N PHE A 224 -0.09 -8.80 -29.32
CA PHE A 224 0.13 -7.81 -30.37
C PHE A 224 1.60 -7.45 -30.54
N ALA A 225 2.31 -7.25 -29.42
CA ALA A 225 3.74 -6.93 -29.45
C ALA A 225 4.60 -8.01 -30.10
N LEU A 226 4.23 -9.28 -29.90
CA LEU A 226 4.91 -10.40 -30.55
C LEU A 226 4.72 -10.39 -32.06
N ARG A 227 3.54 -9.97 -32.50
CA ARG A 227 3.21 -9.83 -33.93
C ARG A 227 4.12 -8.81 -34.62
N LEU A 228 4.41 -7.71 -33.94
CA LEU A 228 5.31 -6.66 -34.48
C LEU A 228 6.78 -7.12 -34.53
N GLN A 229 7.17 -7.96 -33.56
CA GLN A 229 8.51 -8.58 -33.56
C GLN A 229 8.54 -9.79 -34.49
N ASP A 230 7.42 -10.13 -35.12
CA ASP A 230 7.07 -11.48 -35.60
C ASP A 230 7.77 -12.73 -35.00
N LYS A 231 7.67 -12.78 -33.68
CA LYS A 231 7.77 -14.06 -32.93
C LYS A 231 6.43 -14.82 -33.05
N LYS A 232 6.48 -15.92 -33.80
CA LYS A 232 5.28 -16.62 -34.21
C LYS A 232 4.89 -17.69 -33.18
N LEU A 233 3.61 -17.68 -32.80
CA LEU A 233 3.10 -18.62 -31.83
C LEU A 233 2.83 -19.95 -32.51
N PRO A 234 2.97 -21.07 -31.76
CA PRO A 234 2.54 -22.35 -32.34
C PRO A 234 1.02 -22.35 -32.59
N PRO A 235 0.54 -23.18 -33.54
CA PRO A 235 -0.84 -23.11 -34.05
C PRO A 235 -1.93 -23.08 -32.99
N LEU A 236 -1.80 -23.90 -31.96
CA LEU A 236 -2.81 -23.96 -30.87
C LEU A 236 -2.94 -22.60 -30.19
N LEU A 237 -1.81 -22.01 -29.81
CA LEU A 237 -1.83 -20.71 -29.14
C LEU A 237 -2.25 -19.58 -30.07
N SER A 238 -1.83 -19.66 -31.34
CA SER A 238 -2.25 -18.71 -32.37
C SER A 238 -3.77 -18.73 -32.57
N GLU A 239 -4.35 -19.92 -32.60
CA GLU A 239 -5.79 -20.08 -32.77
C GLU A 239 -6.57 -19.43 -31.61
N ILE A 240 -6.07 -19.58 -30.39
CA ILE A 240 -6.75 -19.05 -29.21
C ILE A 240 -6.49 -17.54 -29.00
N TRP A 241 -5.28 -17.09 -29.32
CA TRP A 241 -4.86 -15.72 -29.00
C TRP A 241 -4.72 -14.69 -30.12
N ASP A 242 -4.32 -15.13 -31.32
CA ASP A 242 -4.07 -14.19 -32.41
C ASP A 242 -5.37 -13.70 -33.04
N VAL A 243 -5.39 -12.43 -33.40
CA VAL A 243 -6.50 -11.83 -34.17
C VAL A 243 -6.43 -12.16 -35.68
N GLN B 3 -24.74 -5.34 12.93
CA GLN B 3 -23.91 -5.69 11.71
C GLN B 3 -23.78 -4.53 10.72
N LEU B 4 -24.74 -3.58 10.73
CA LEU B 4 -24.54 -2.26 10.15
C LEU B 4 -24.38 -1.31 11.34
N THR B 5 -23.16 -0.85 11.56
CA THR B 5 -22.83 0.02 12.69
C THR B 5 -23.27 1.44 12.37
N ALA B 6 -23.37 2.26 13.40
CA ALA B 6 -23.67 3.69 13.25
C ALA B 6 -22.67 4.37 12.32
N ALA B 7 -21.39 4.06 12.49
CA ALA B 7 -20.32 4.61 11.66
C ALA B 7 -20.50 4.26 10.18
N GLN B 8 -20.89 3.00 9.92
CA GLN B 8 -21.14 2.53 8.56
C GLN B 8 -22.35 3.23 7.93
N GLU B 9 -23.45 3.32 8.69
CA GLU B 9 -24.66 4.02 8.23
C GLU B 9 -24.37 5.49 7.93
N LEU B 10 -23.62 6.16 8.79
CA LEU B 10 -23.22 7.55 8.57
C LEU B 10 -22.33 7.70 7.32
N MET B 11 -21.35 6.83 7.18
CA MET B 11 -20.48 6.84 6.00
C MET B 11 -21.29 6.70 4.71
N ILE B 12 -22.23 5.77 4.70
CA ILE B 12 -23.08 5.53 3.51
C ILE B 12 -23.97 6.75 3.21
N GLN B 13 -24.62 7.29 4.24
CA GLN B 13 -25.42 8.50 4.10
C GLN B 13 -24.63 9.68 3.52
N GLN B 14 -23.40 9.86 4.00
CA GLN B 14 -22.49 10.90 3.50
C GLN B 14 -22.15 10.70 2.02
N LEU B 15 -21.85 9.46 1.62
CA LEU B 15 -21.56 9.17 0.21
C LEU B 15 -22.77 9.46 -0.71
N VAL B 16 -23.95 9.02 -0.29
CA VAL B 16 -25.19 9.26 -1.05
C VAL B 16 -25.47 10.77 -1.15
N ALA B 17 -25.33 11.49 -0.05
CA ALA B 17 -25.49 12.94 -0.02
C ALA B 17 -24.49 13.64 -0.93
N ALA B 18 -23.23 13.20 -0.91
CA ALA B 18 -22.17 13.74 -1.78
C ALA B 18 -22.53 13.55 -3.26
N GLN B 19 -23.01 12.36 -3.61
CA GLN B 19 -23.45 12.08 -4.98
C GLN B 19 -24.62 12.97 -5.43
N LEU B 20 -25.58 13.15 -4.54
CA LEU B 20 -26.72 14.04 -4.78
C LEU B 20 -26.29 15.47 -5.02
N GLN B 21 -25.40 15.98 -4.18
CA GLN B 21 -24.88 17.36 -4.30
C GLN B 21 -24.04 17.57 -5.55
N CYS B 22 -23.19 16.60 -5.89
CA CYS B 22 -22.41 16.65 -7.14
C CYS B 22 -23.32 16.65 -8.38
N ASN B 23 -24.38 15.86 -8.33
CA ASN B 23 -25.36 15.79 -9.43
C ASN B 23 -26.18 17.09 -9.56
N LYS B 24 -26.43 17.75 -8.44
CA LYS B 24 -27.14 19.03 -8.43
C LYS B 24 -26.35 20.09 -9.16
N ARG B 25 -25.06 20.21 -8.85
CA ARG B 25 -24.15 21.09 -9.57
C ARG B 25 -24.25 20.86 -11.06
N SER B 26 -23.86 19.66 -11.49
CA SER B 26 -23.92 19.32 -12.90
C SER B 26 -25.28 19.71 -13.47
N PHE B 27 -25.29 20.20 -14.71
CA PHE B 27 -26.47 20.77 -15.35
C PHE B 27 -26.01 21.79 -16.40
N LYS B 32 -24.90 20.08 -23.46
CA LYS B 32 -25.22 21.49 -23.69
C LYS B 32 -25.62 21.74 -25.14
N THR B 34 -24.72 21.50 -26.09
CA THR B 34 -25.05 21.61 -27.51
C THR B 34 -26.28 20.73 -27.73
N PRO B 35 -27.37 21.30 -28.28
CA PRO B 35 -28.66 20.58 -28.25
C PRO B 35 -28.67 19.32 -29.11
N TRP B 36 -29.36 18.27 -28.64
CA TRP B 36 -29.62 17.09 -29.47
C TRP B 36 -30.36 17.57 -30.75
N PRO B 37 -29.86 17.18 -31.95
CA PRO B 37 -30.58 17.58 -33.18
C PRO B 37 -31.87 16.76 -33.35
N LEU B 38 -32.90 17.14 -32.61
CA LEU B 38 -34.17 16.38 -32.55
C LEU B 38 -34.93 16.43 -33.89
N GLY B 39 -35.35 15.26 -34.35
CA GLY B 39 -36.02 15.10 -35.64
C GLY B 39 -35.14 15.32 -36.87
N ALA B 40 -33.84 15.54 -36.69
CA ALA B 40 -32.91 15.63 -37.83
C ALA B 40 -32.87 14.29 -38.56
N ASP B 41 -32.51 14.35 -39.84
CA ASP B 41 -32.24 13.17 -40.67
C ASP B 41 -31.37 12.14 -39.91
N PRO B 42 -31.86 10.90 -39.76
CA PRO B 42 -31.14 9.93 -38.95
C PRO B 42 -29.88 9.41 -39.58
N GLN B 43 -29.67 9.56 -40.90
CA GLN B 43 -28.45 9.16 -41.57
C GLN B 43 -27.55 10.37 -41.88
N SER B 44 -27.89 11.59 -41.43
CA SER B 44 -27.13 12.81 -41.79
C SER B 44 -25.78 12.87 -41.05
N ARG B 45 -24.72 13.15 -41.79
CA ARG B 45 -23.37 13.25 -41.23
C ARG B 45 -23.30 14.43 -40.23
N ASP B 46 -23.76 15.60 -40.66
CA ASP B 46 -23.84 16.77 -39.78
C ASP B 46 -24.60 16.48 -38.49
N ALA B 47 -25.79 15.89 -38.60
CA ALA B 47 -26.56 15.46 -37.42
C ALA B 47 -25.79 14.48 -36.52
N ARG B 48 -25.11 13.51 -37.14
CA ARG B 48 -24.24 12.56 -36.42
C ARG B 48 -23.12 13.27 -35.65
N GLN B 49 -22.51 14.29 -36.22
CA GLN B 49 -21.46 15.06 -35.54
C GLN B 49 -22.03 15.89 -34.40
N GLN B 50 -23.23 16.44 -34.60
CA GLN B 50 -23.92 17.15 -33.52
C GLN B 50 -24.28 16.24 -32.32
N ARG B 51 -24.74 15.04 -32.64
CA ARG B 51 -25.05 14.02 -31.62
C ARG B 51 -23.80 13.56 -30.87
N PHE B 52 -22.69 13.37 -31.58
CA PHE B 52 -21.38 13.03 -31.00
C PHE B 52 -20.88 14.13 -30.09
N ALA B 53 -20.96 15.39 -30.56
CA ALA B 53 -20.57 16.54 -29.73
C ALA B 53 -21.40 16.59 -28.44
N HIS B 54 -22.72 16.40 -28.59
CA HIS B 54 -23.63 16.36 -27.45
C HIS B 54 -23.22 15.30 -26.41
N PHE B 55 -22.92 14.10 -26.87
CA PHE B 55 -22.51 12.99 -25.99
C PHE B 55 -21.18 13.22 -25.34
N THR B 56 -20.19 13.77 -26.04
CA THR B 56 -18.89 14.10 -25.45
C THR B 56 -19.00 15.23 -24.42
N GLU B 57 -19.93 16.16 -24.64
CA GLU B 57 -20.18 17.24 -23.67
C GLU B 57 -20.86 16.72 -22.39
N LEU B 58 -21.77 15.76 -22.55
CA LEU B 58 -22.33 15.04 -21.40
C LEU B 58 -21.25 14.29 -20.64
N ALA B 59 -20.33 13.66 -21.36
CA ALA B 59 -19.20 12.94 -20.76
C ALA B 59 -18.33 13.86 -19.92
N ILE B 60 -18.06 15.08 -20.42
CA ILE B 60 -17.30 16.08 -19.66
C ILE B 60 -18.00 16.41 -18.34
N ILE B 61 -19.31 16.62 -18.39
CA ILE B 61 -20.12 16.84 -17.19
C ILE B 61 -19.99 15.66 -16.22
N SER B 62 -20.07 14.44 -16.74
CA SER B 62 -19.88 13.22 -15.95
C SER B 62 -18.50 13.16 -15.30
N VAL B 63 -17.44 13.48 -16.04
CA VAL B 63 -16.07 13.50 -15.50
C VAL B 63 -15.95 14.49 -14.33
N GLN B 64 -16.56 15.67 -14.48
CA GLN B 64 -16.56 16.69 -13.42
C GLN B 64 -17.30 16.20 -12.16
N GLU B 65 -18.41 15.51 -12.36
CA GLU B 65 -19.17 14.85 -11.28
C GLU B 65 -18.32 13.80 -10.55
N ILE B 66 -17.60 12.99 -11.33
CA ILE B 66 -16.76 11.91 -10.80
C ILE B 66 -15.63 12.48 -9.95
N VAL B 67 -14.96 13.52 -10.44
CA VAL B 67 -13.89 14.19 -9.70
C VAL B 67 -14.42 14.77 -8.39
N ASP B 68 -15.56 15.46 -8.48
CA ASP B 68 -16.20 16.06 -7.31
C ASP B 68 -16.57 14.99 -6.26
N PHE B 69 -17.10 13.87 -6.71
CA PHE B 69 -17.44 12.78 -5.81
C PHE B 69 -16.19 12.12 -5.20
N ALA B 70 -15.21 11.80 -6.03
CA ALA B 70 -13.96 11.14 -5.60
C ALA B 70 -13.27 11.88 -4.47
N LYS B 71 -13.19 13.22 -4.61
CA LYS B 71 -12.65 14.07 -3.54
C LYS B 71 -13.32 13.89 -2.18
N GLN B 72 -14.62 13.57 -2.20
CA GLN B 72 -15.42 13.38 -0.98
C GLN B 72 -15.46 11.95 -0.45
N VAL B 73 -14.85 11.00 -1.17
CA VAL B 73 -14.77 9.62 -0.71
C VAL B 73 -13.62 9.52 0.30
N PRO B 74 -13.92 9.15 1.56
CA PRO B 74 -12.85 9.09 2.57
C PRO B 74 -11.70 8.18 2.15
N GLY B 75 -10.49 8.69 2.27
CA GLY B 75 -9.30 7.97 1.84
C GLY B 75 -8.73 8.39 0.52
N PHE B 76 -9.55 8.95 -0.38
CA PHE B 76 -9.06 9.29 -1.72
C PHE B 76 -7.93 10.31 -1.72
N LEU B 77 -8.05 11.30 -0.87
CA LEU B 77 -7.03 12.37 -0.74
C LEU B 77 -5.75 11.89 -0.02
N GLN B 78 -5.80 10.73 0.65
CA GLN B 78 -4.62 10.13 1.25
C GLN B 78 -3.70 9.49 0.22
N LEU B 79 -4.22 9.19 -0.98
CA LEU B 79 -3.39 8.66 -2.05
C LEU B 79 -2.43 9.72 -2.61
N GLY B 80 -1.30 9.26 -3.15
CA GLY B 80 -0.40 10.14 -3.87
C GLY B 80 -1.05 10.59 -5.16
N ARG B 81 -0.65 11.77 -5.66
CA ARG B 81 -1.28 12.36 -6.83
C ARG B 81 -1.23 11.45 -8.06
N GLU B 82 -0.12 10.73 -8.23
CA GLU B 82 0.03 9.79 -9.35
C GLU B 82 -0.95 8.63 -9.29
N ASP B 83 -1.21 8.11 -8.08
CA ASP B 83 -2.19 7.04 -7.90
C ASP B 83 -3.62 7.55 -8.05
N GLN B 84 -3.89 8.76 -7.55
CA GLN B 84 -5.19 9.40 -7.79
C GLN B 84 -5.49 9.49 -9.28
N ILE B 85 -4.49 9.91 -10.06
CA ILE B 85 -4.61 10.01 -11.52
C ILE B 85 -4.79 8.64 -12.15
N ALA B 86 -3.95 7.68 -11.77
CA ALA B 86 -4.02 6.33 -12.35
C ALA B 86 -5.37 5.66 -12.09
N LEU B 87 -5.84 5.75 -10.85
CA LEU B 87 -7.11 5.14 -10.46
C LEU B 87 -8.31 5.79 -11.15
N LEU B 88 -8.37 7.12 -11.15
CA LEU B 88 -9.50 7.83 -11.80
C LEU B 88 -9.49 7.73 -13.31
N LYS B 89 -8.31 7.76 -13.91
CA LYS B 89 -8.16 7.53 -15.35
C LYS B 89 -8.80 6.20 -15.78
N ALA B 90 -8.51 5.13 -15.04
CA ALA B 90 -9.07 3.80 -15.35
C ALA B 90 -10.53 3.66 -14.92
N SER B 91 -10.89 4.25 -13.77
CA SER B 91 -12.25 4.15 -13.22
C SER B 91 -13.31 4.94 -13.98
N THR B 92 -12.93 6.03 -14.63
CA THR B 92 -13.89 6.97 -15.21
C THR B 92 -14.93 6.29 -16.10
N ILE B 93 -14.49 5.53 -17.10
CA ILE B 93 -15.42 4.83 -17.99
C ILE B 93 -16.32 3.85 -17.24
N GLU B 94 -15.75 3.14 -16.27
CA GLU B 94 -16.49 2.15 -15.50
C GLU B 94 -17.55 2.82 -14.62
N ILE B 95 -17.24 3.98 -14.02
CA ILE B 95 -18.21 4.74 -13.25
C ILE B 95 -19.30 5.28 -14.17
N MET B 96 -18.92 5.80 -15.35
CA MET B 96 -19.91 6.23 -16.37
C MET B 96 -20.89 5.10 -16.73
N LEU B 97 -20.37 3.89 -16.85
CA LEU B 97 -21.20 2.71 -17.14
C LEU B 97 -22.14 2.35 -15.97
N LEU B 98 -21.66 2.46 -14.74
CA LEU B 98 -22.51 2.28 -13.55
C LEU B 98 -23.60 3.34 -13.51
N GLU B 99 -23.23 4.59 -13.80
CA GLU B 99 -24.18 5.71 -13.80
C GLU B 99 -25.18 5.58 -14.94
N THR B 100 -24.73 5.07 -16.09
CA THR B 100 -25.61 4.74 -17.22
C THR B 100 -26.62 3.66 -16.82
N ALA B 101 -26.15 2.59 -16.19
CA ALA B 101 -27.01 1.50 -15.72
C ALA B 101 -28.02 2.02 -14.70
N ARG B 102 -27.60 2.91 -13.82
CA ARG B 102 -28.47 3.53 -12.83
C ARG B 102 -29.62 4.32 -13.45
N ARG B 103 -29.37 4.91 -14.62
CA ARG B 103 -30.34 5.74 -15.34
C ARG B 103 -31.13 4.97 -16.42
N TYR B 104 -30.96 3.65 -16.47
CA TYR B 104 -31.60 2.79 -17.44
C TYR B 104 -33.02 2.49 -17.01
N ASN B 105 -33.96 2.59 -17.97
CA ASN B 105 -35.36 2.27 -17.75
C ASN B 105 -35.70 0.96 -18.44
N HIS B 106 -36.01 -0.07 -17.61
CA HIS B 106 -36.41 -1.41 -17.99
C HIS B 106 -37.61 -1.48 -18.93
N GLU B 107 -38.60 -0.57 -18.79
CA GLU B 107 -39.77 -0.59 -19.66
C GLU B 107 -39.41 -0.16 -21.07
N THR B 108 -38.82 1.04 -21.17
CA THR B 108 -38.57 1.71 -22.42
C THR B 108 -37.25 1.31 -23.09
N GLU B 109 -36.32 0.74 -22.30
CA GLU B 109 -34.98 0.43 -22.75
C GLU B 109 -34.18 1.67 -23.16
N CYS B 110 -34.47 2.80 -22.51
CA CYS B 110 -33.77 4.07 -22.76
C CYS B 110 -33.06 4.53 -21.49
N ILE B 111 -32.02 5.35 -21.69
CA ILE B 111 -31.21 5.88 -20.60
C ILE B 111 -31.48 7.38 -20.50
N THR B 112 -31.74 7.87 -19.28
CA THR B 112 -32.03 9.30 -19.04
C THR B 112 -30.90 10.00 -18.31
N PHE B 113 -30.26 10.97 -18.96
CA PHE B 113 -29.22 11.78 -18.35
C PHE B 113 -29.76 13.18 -18.01
N LEU B 114 -29.25 13.77 -16.93
CA LEU B 114 -29.58 15.16 -16.55
C LEU B 114 -31.09 15.44 -16.38
N LYS B 115 -31.92 14.42 -16.10
CA LYS B 115 -33.37 14.50 -16.34
C LYS B 115 -33.77 14.75 -17.82
N ASP B 116 -34.86 14.19 -18.31
CA ASP B 116 -35.40 14.46 -19.61
C ASP B 116 -34.46 14.53 -20.81
N PHE B 117 -33.18 14.10 -20.68
CA PHE B 117 -32.41 13.79 -21.90
C PHE B 117 -32.37 12.27 -22.00
N THR B 118 -33.25 11.68 -22.80
CA THR B 118 -33.48 10.25 -22.81
C THR B 118 -33.07 9.66 -24.16
N TYR B 119 -32.29 8.58 -24.13
CA TYR B 119 -31.69 8.02 -25.34
C TYR B 119 -31.85 6.51 -25.42
N SER B 120 -32.15 6.03 -26.63
CA SER B 120 -32.23 4.60 -26.92
C SER B 120 -30.90 4.11 -27.44
N LYS B 121 -30.81 2.77 -27.59
CA LYS B 121 -29.69 2.11 -28.27
C LYS B 121 -29.35 2.76 -29.58
N ASP B 122 -30.39 2.96 -30.39
CA ASP B 122 -30.25 3.50 -31.73
C ASP B 122 -29.77 4.93 -31.74
N ASP B 123 -30.15 5.75 -30.75
CA ASP B 123 -29.62 7.10 -30.61
C ASP B 123 -28.07 7.11 -30.47
N PHE B 124 -27.57 6.18 -29.66
CA PHE B 124 -26.11 6.02 -29.51
C PHE B 124 -25.45 5.63 -30.83
N HIS B 125 -26.09 4.73 -31.57
CA HIS B 125 -25.61 4.32 -32.90
C HIS B 125 -25.61 5.51 -33.87
N ARG B 126 -26.69 6.30 -33.84
CA ARG B 126 -26.79 7.49 -34.69
C ARG B 126 -25.77 8.57 -34.34
N ALA B 127 -25.24 8.56 -33.12
CA ALA B 127 -24.05 9.39 -32.79
C ALA B 127 -22.71 8.95 -33.37
N GLY B 128 -22.68 7.77 -33.99
CA GLY B 128 -21.46 7.22 -34.62
C GLY B 128 -20.72 6.17 -33.80
N LEU B 129 -21.32 5.69 -32.70
CA LEU B 129 -20.71 4.71 -31.83
C LEU B 129 -20.92 3.30 -32.38
N GLN B 130 -19.94 2.42 -32.10
CA GLN B 130 -19.96 1.06 -32.64
C GLN B 130 -20.99 0.21 -31.96
N VAL B 131 -21.67 -0.66 -32.70
CA VAL B 131 -22.60 -1.64 -32.12
C VAL B 131 -21.87 -2.61 -31.17
N GLU B 132 -20.58 -2.87 -31.43
CA GLU B 132 -19.76 -3.71 -30.58
C GLU B 132 -19.56 -3.16 -29.16
N PHE B 133 -19.71 -1.85 -28.99
CA PHE B 133 -19.68 -1.19 -27.69
C PHE B 133 -21.09 -0.93 -27.15
N ILE B 134 -21.98 -0.45 -28.03
CA ILE B 134 -23.33 -0.09 -27.61
C ILE B 134 -24.14 -1.27 -27.08
N ASN B 135 -24.10 -2.38 -27.78
CA ASN B 135 -24.87 -3.57 -27.36
C ASN B 135 -24.45 -4.03 -25.95
N PRO B 136 -23.14 -4.25 -25.70
CA PRO B 136 -22.72 -4.59 -24.34
C PRO B 136 -23.05 -3.55 -23.24
N ILE B 137 -23.03 -2.26 -23.57
CA ILE B 137 -23.45 -1.22 -22.61
C ILE B 137 -24.89 -1.47 -22.16
N PHE B 138 -25.77 -1.72 -23.12
CA PHE B 138 -27.17 -1.92 -22.83
C PHE B 138 -27.48 -3.27 -22.20
N GLU B 139 -26.73 -4.31 -22.55
CA GLU B 139 -26.83 -5.60 -21.87
C GLU B 139 -26.43 -5.47 -20.40
N PHE B 140 -25.32 -4.76 -20.15
CA PHE B 140 -24.85 -4.50 -18.78
C PHE B 140 -25.90 -3.70 -17.99
N SER B 141 -26.47 -2.66 -18.62
CA SER B 141 -27.45 -1.82 -17.98
C SER B 141 -28.70 -2.60 -17.60
N ARG B 142 -29.18 -3.43 -18.51
CA ARG B 142 -30.33 -4.35 -18.28
C ARG B 142 -30.03 -5.27 -17.10
N ALA B 143 -28.84 -5.89 -17.09
CA ALA B 143 -28.46 -6.82 -16.03
C ALA B 143 -28.35 -6.14 -14.67
N MET B 144 -27.79 -4.93 -14.65
CA MET B 144 -27.70 -4.15 -13.42
C MET B 144 -29.08 -3.75 -12.89
N ARG B 145 -29.95 -3.35 -13.80
CA ARG B 145 -31.32 -2.97 -13.43
C ARG B 145 -32.07 -4.09 -12.75
N ARG B 146 -31.88 -5.33 -13.22
CA ARG B 146 -32.49 -6.51 -12.60
C ARG B 146 -32.13 -6.70 -11.13
N LEU B 147 -30.93 -6.27 -10.73
CA LEU B 147 -30.48 -6.36 -9.33
C LEU B 147 -31.19 -5.35 -8.41
N GLY B 148 -31.74 -4.28 -8.96
CA GLY B 148 -32.48 -3.28 -8.19
C GLY B 148 -31.59 -2.61 -7.18
N LEU B 149 -30.41 -2.13 -7.61
CA LEU B 149 -29.52 -1.40 -6.73
C LEU B 149 -30.14 -0.09 -6.28
N ASP B 150 -29.97 0.24 -5.01
CA ASP B 150 -30.41 1.53 -4.48
C ASP B 150 -29.22 2.51 -4.46
N ASP B 151 -29.48 3.74 -4.02
CA ASP B 151 -28.48 4.79 -4.00
C ASP B 151 -27.23 4.43 -3.19
N ALA B 152 -27.44 3.79 -2.04
CA ALA B 152 -26.34 3.35 -1.17
C ALA B 152 -25.42 2.36 -1.88
N GLU B 153 -26.03 1.40 -2.57
CA GLU B 153 -25.30 0.34 -3.25
C GLU B 153 -24.49 0.89 -4.43
N TYR B 154 -25.08 1.77 -5.22
CA TYR B 154 -24.35 2.45 -6.30
C TYR B 154 -23.17 3.25 -5.80
N ALA B 155 -23.38 4.05 -4.76
CA ALA B 155 -22.32 4.84 -4.12
C ALA B 155 -21.15 3.98 -3.64
N LEU B 156 -21.47 2.88 -2.96
CA LEU B 156 -20.45 1.96 -2.46
C LEU B 156 -19.72 1.25 -3.59
N LEU B 157 -20.45 0.83 -4.63
CA LEU B 157 -19.84 0.16 -5.79
C LEU B 157 -18.87 1.08 -6.51
N ILE B 158 -19.21 2.37 -6.59
CA ILE B 158 -18.34 3.37 -7.18
C ILE B 158 -17.05 3.53 -6.36
N ALA B 159 -17.18 3.62 -5.03
CA ALA B 159 -16.01 3.72 -4.14
C ALA B 159 -15.12 2.48 -4.28
N ILE B 160 -15.74 1.31 -4.31
CA ILE B 160 -15.01 0.06 -4.49
C ILE B 160 -14.24 0.09 -5.82
N ASN B 161 -14.91 0.54 -6.88
CA ASN B 161 -14.32 0.66 -8.20
C ASN B 161 -13.10 1.59 -8.23
N ILE B 162 -13.21 2.74 -7.57
CA ILE B 162 -12.11 3.72 -7.54
C ILE B 162 -10.85 3.10 -6.92
N PHE B 163 -11.02 2.43 -5.77
CA PHE B 163 -9.87 1.88 -5.04
C PHE B 163 -9.53 0.46 -5.52
N SER B 164 -9.22 0.32 -6.81
CA SER B 164 -8.85 -0.95 -7.41
C SER B 164 -7.33 -1.02 -7.49
N ALA B 165 -6.74 -1.85 -6.64
CA ALA B 165 -5.28 -1.96 -6.52
C ALA B 165 -4.61 -2.57 -7.78
N ASP B 166 -5.39 -3.27 -8.59
CA ASP B 166 -4.89 -3.97 -9.77
C ASP B 166 -4.78 -3.15 -11.07
N ARG B 167 -5.04 -1.84 -11.01
CA ARG B 167 -4.98 -1.00 -12.22
C ARG B 167 -3.51 -0.89 -12.65
N PRO B 168 -3.26 -0.79 -13.98
CA PRO B 168 -1.90 -0.50 -14.42
C PRO B 168 -1.42 0.85 -13.87
N ASN B 169 -0.11 0.94 -13.63
CA ASN B 169 0.56 2.17 -13.19
C ASN B 169 0.29 2.59 -11.73
N VAL B 170 -0.37 1.75 -10.93
CA VAL B 170 -0.57 2.05 -9.52
C VAL B 170 0.75 1.82 -8.78
N GLN B 171 1.19 2.85 -8.06
CA GLN B 171 2.45 2.83 -7.33
C GLN B 171 2.37 2.15 -5.98
N GLU B 172 1.22 2.26 -5.32
CA GLU B 172 1.04 1.75 -3.96
C GLU B 172 -0.21 0.87 -3.85
N PRO B 173 -0.18 -0.33 -4.49
CA PRO B 173 -1.37 -1.20 -4.49
C PRO B 173 -1.85 -1.63 -3.10
N GLY B 174 -0.91 -1.85 -2.19
CA GLY B 174 -1.24 -2.18 -0.79
C GLY B 174 -2.06 -1.09 -0.10
N ARG B 175 -1.66 0.17 -0.29
CA ARG B 175 -2.43 1.30 0.25
C ARG B 175 -3.82 1.38 -0.37
N VAL B 176 -3.88 1.21 -1.70
CA VAL B 176 -5.15 1.27 -2.42
C VAL B 176 -6.12 0.19 -1.90
N GLU B 177 -5.62 -1.03 -1.77
CA GLU B 177 -6.44 -2.14 -1.26
C GLU B 177 -6.93 -1.90 0.18
N ALA B 178 -6.07 -1.32 1.01
CA ALA B 178 -6.46 -0.95 2.38
C ALA B 178 -7.58 0.09 2.39
N LEU B 179 -7.50 1.06 1.50
CA LEU B 179 -8.55 2.08 1.38
C LEU B 179 -9.86 1.54 0.79
N GLN B 180 -9.76 0.51 -0.05
CA GLN B 180 -10.95 -0.15 -0.61
C GLN B 180 -11.76 -0.90 0.45
N GLN B 181 -11.05 -1.48 1.43
CA GLN B 181 -11.65 -2.44 2.38
C GLN B 181 -12.91 -1.96 3.09
N PRO B 182 -12.90 -0.75 3.71
CA PRO B 182 -14.13 -0.29 4.39
C PRO B 182 -15.38 -0.24 3.50
N TYR B 183 -15.20 0.01 2.20
CA TYR B 183 -16.33 0.06 1.25
C TYR B 183 -16.84 -1.34 0.93
N VAL B 184 -15.92 -2.30 0.79
CA VAL B 184 -16.30 -3.70 0.62
C VAL B 184 -17.06 -4.19 1.86
N GLU B 185 -16.50 -3.91 3.04
CA GLU B 185 -17.14 -4.29 4.32
C GLU B 185 -18.53 -3.67 4.47
N ALA B 186 -18.64 -2.38 4.12
CA ALA B 186 -19.91 -1.67 4.20
C ALA B 186 -20.97 -2.26 3.27
N LEU B 187 -20.56 -2.57 2.03
CA LEU B 187 -21.47 -3.19 1.07
C LEU B 187 -21.91 -4.58 1.51
N LEU B 188 -20.99 -5.36 2.07
CA LEU B 188 -21.32 -6.69 2.62
C LEU B 188 -22.38 -6.56 3.71
N SER B 189 -22.14 -5.68 4.69
CA SER B 189 -23.10 -5.42 5.77
C SER B 189 -24.44 -4.90 5.25
N TYR B 190 -24.39 -3.91 4.36
CA TYR B 190 -25.59 -3.30 3.82
C TYR B 190 -26.48 -4.30 3.08
N THR B 191 -25.90 -5.09 2.19
CA THR B 191 -26.67 -6.07 1.43
C THR B 191 -27.25 -7.18 2.30
N ARG B 192 -26.50 -7.62 3.31
CA ARG B 192 -26.98 -8.63 4.24
C ARG B 192 -28.16 -8.13 5.10
N ILE B 193 -28.02 -6.89 5.59
CA ILE B 193 -28.99 -6.37 6.58
C ILE B 193 -30.17 -5.70 5.87
N LYS B 194 -29.87 -4.70 5.05
CA LYS B 194 -30.89 -3.90 4.35
C LYS B 194 -31.61 -4.63 3.25
N ARG B 195 -30.97 -5.58 2.58
CA ARG B 195 -31.58 -6.27 1.42
C ARG B 195 -31.40 -7.80 1.48
N PRO B 196 -31.91 -8.44 2.57
CA PRO B 196 -31.70 -9.88 2.75
C PRO B 196 -32.45 -10.81 1.79
N GLN B 197 -33.36 -10.28 0.97
CA GLN B 197 -34.30 -11.12 0.21
C GLN B 197 -33.59 -12.12 -0.74
N ASP B 198 -32.48 -11.68 -1.33
CA ASP B 198 -31.63 -12.50 -2.19
C ASP B 198 -30.35 -12.75 -1.40
N GLN B 199 -30.08 -13.98 -0.99
CA GLN B 199 -28.87 -14.33 -0.24
C GLN B 199 -27.56 -14.22 -1.02
N LEU B 200 -27.62 -14.26 -2.34
CA LEU B 200 -26.41 -14.17 -3.21
C LEU B 200 -26.26 -12.79 -3.83
N ARG B 201 -26.94 -11.80 -3.32
CA ARG B 201 -26.96 -10.46 -3.90
C ARG B 201 -25.56 -9.85 -3.95
N PHE B 202 -24.85 -9.95 -2.83
CA PHE B 202 -23.51 -9.39 -2.72
C PHE B 202 -22.50 -9.96 -3.72
N PRO B 203 -22.36 -11.30 -3.80
CA PRO B 203 -21.48 -11.83 -4.84
C PRO B 203 -21.91 -11.46 -6.27
N ARG B 204 -23.22 -11.43 -6.54
CA ARG B 204 -23.72 -11.05 -7.86
C ARG B 204 -23.31 -9.61 -8.23
N MET B 205 -23.37 -8.71 -7.25
CA MET B 205 -22.90 -7.33 -7.40
C MET B 205 -21.43 -7.27 -7.77
N LEU B 206 -20.61 -7.98 -7.02
CA LEU B 206 -19.16 -8.00 -7.27
C LEU B 206 -18.83 -8.63 -8.62
N MET B 207 -19.62 -9.60 -9.06
CA MET B 207 -19.42 -10.18 -10.40
C MET B 207 -19.67 -9.14 -11.51
N LYS B 208 -20.51 -8.13 -11.23
CA LYS B 208 -20.70 -7.03 -12.20
C LYS B 208 -19.43 -6.19 -12.39
N LEU B 209 -18.61 -6.08 -11.33
CA LEU B 209 -17.31 -5.44 -11.46
C LEU B 209 -16.41 -6.19 -12.44
N VAL B 210 -16.59 -7.51 -12.54
CA VAL B 210 -15.89 -8.31 -13.53
C VAL B 210 -16.30 -7.86 -14.94
N SER B 211 -17.60 -7.80 -15.18
CA SER B 211 -18.15 -7.35 -16.48
C SER B 211 -17.67 -5.95 -16.86
N LEU B 212 -17.65 -5.05 -15.87
CA LEU B 212 -17.19 -3.69 -16.08
C LEU B 212 -15.75 -3.60 -16.58
N ARG B 213 -14.90 -4.50 -16.09
CA ARG B 213 -13.51 -4.53 -16.51
C ARG B 213 -13.36 -4.83 -17.99
N THR B 214 -14.14 -5.81 -18.43
CA THR B 214 -14.21 -6.15 -19.85
C THR B 214 -14.78 -4.99 -20.66
N LEU B 215 -15.82 -4.33 -20.15
CA LEU B 215 -16.39 -3.17 -20.85
C LEU B 215 -15.38 -2.02 -21.05
N SER B 216 -14.45 -1.86 -20.09
CA SER B 216 -13.33 -0.93 -20.27
C SER B 216 -12.47 -1.27 -21.50
N SER B 217 -12.21 -2.56 -21.71
CA SER B 217 -11.46 -3.01 -22.90
CA SER B 217 -11.45 -3.00 -22.90
C SER B 217 -12.23 -2.74 -24.19
N VAL B 218 -13.54 -2.99 -24.16
CA VAL B 218 -14.41 -2.73 -25.32
C VAL B 218 -14.47 -1.23 -25.62
N HIS B 219 -14.50 -0.42 -24.57
CA HIS B 219 -14.41 1.04 -24.72
C HIS B 219 -13.09 1.49 -25.34
N SER B 220 -11.98 0.87 -24.94
CA SER B 220 -10.67 1.18 -25.51
C SER B 220 -10.65 0.91 -27.02
N GLU B 221 -11.32 -0.15 -27.44
CA GLU B 221 -11.48 -0.47 -28.87
C GLU B 221 -12.33 0.59 -29.58
N GLN B 222 -13.38 1.07 -28.92
CA GLN B 222 -14.17 2.20 -29.43
C GLN B 222 -13.32 3.46 -29.63
N VAL B 223 -12.50 3.78 -28.62
CA VAL B 223 -11.59 4.93 -28.67
C VAL B 223 -10.60 4.79 -29.84
N PHE B 224 -10.05 3.59 -30.00
CA PHE B 224 -9.16 3.28 -31.15
C PHE B 224 -9.86 3.47 -32.48
N ALA B 225 -11.11 3.01 -32.60
CA ALA B 225 -11.90 3.17 -33.82
C ALA B 225 -12.12 4.64 -34.22
N LEU B 226 -12.29 5.51 -33.22
CA LEU B 226 -12.42 6.95 -33.46
C LEU B 226 -11.12 7.55 -34.02
N ARG B 227 -9.98 7.04 -33.53
CA ARG B 227 -8.66 7.45 -34.00
C ARG B 227 -8.46 7.17 -35.49
N LEU B 228 -8.95 6.02 -35.96
CA LEU B 228 -8.86 5.64 -37.37
C LEU B 228 -9.81 6.45 -38.25
N GLN B 229 -10.95 6.89 -37.70
CA GLN B 229 -11.84 7.83 -38.38
C GLN B 229 -11.29 9.26 -38.21
N ASP B 230 -12.01 10.25 -38.72
CA ASP B 230 -11.67 11.66 -38.47
C ASP B 230 -11.87 12.15 -37.00
N LYS B 231 -12.42 11.34 -36.08
CA LYS B 231 -13.16 11.87 -34.97
C LYS B 231 -12.28 12.14 -33.77
N LYS B 232 -12.06 13.42 -33.48
CA LYS B 232 -11.30 13.85 -32.32
C LYS B 232 -12.20 13.96 -31.10
N LEU B 233 -11.73 13.42 -29.98
CA LEU B 233 -12.33 13.69 -28.67
C LEU B 233 -11.93 15.09 -28.19
N PRO B 234 -12.77 15.75 -27.41
CA PRO B 234 -12.30 17.00 -26.77
C PRO B 234 -11.12 16.74 -25.82
N PRO B 235 -10.26 17.75 -25.59
CA PRO B 235 -8.98 17.57 -24.90
C PRO B 235 -9.05 16.82 -23.56
N LEU B 236 -10.06 17.13 -22.74
CA LEU B 236 -10.22 16.47 -21.44
C LEU B 236 -10.40 14.96 -21.61
N LEU B 237 -11.30 14.56 -22.50
CA LEU B 237 -11.55 13.14 -22.76
C LEU B 237 -10.38 12.46 -23.45
N SER B 238 -9.72 13.17 -24.36
CA SER B 238 -8.50 12.68 -25.01
CA SER B 238 -8.49 12.68 -25.00
C SER B 238 -7.38 12.40 -23.98
N GLU B 239 -7.22 13.31 -23.03
CA GLU B 239 -6.22 13.13 -21.96
C GLU B 239 -6.49 11.86 -21.13
N ILE B 240 -7.75 11.61 -20.81
CA ILE B 240 -8.14 10.47 -19.97
C ILE B 240 -8.19 9.15 -20.76
N TRP B 241 -8.61 9.20 -22.03
CA TRP B 241 -8.80 8.02 -22.88
C TRP B 241 -7.81 8.45 -23.95
N ASP B 242 -7.60 7.74 -25.03
CA ASP B 242 -6.52 8.04 -26.00
C ASP B 242 -5.14 7.74 -25.42
N VAL B 243 -4.31 7.03 -26.19
CA VAL B 243 -2.97 6.65 -25.73
C VAL B 243 -2.07 7.07 -26.86
N GLN C 3 -1.40 34.48 8.40
CA GLN C 3 -1.46 34.21 9.86
C GLN C 3 -0.10 33.96 10.53
N LEU C 4 0.92 33.60 9.75
CA LEU C 4 2.31 33.69 10.21
C LEU C 4 2.57 35.03 10.90
N THR C 5 3.23 35.00 12.05
CA THR C 5 3.72 36.21 12.70
C THR C 5 4.98 36.70 11.99
N ALA C 6 5.34 37.96 12.23
CA ALA C 6 6.57 38.53 11.70
C ALA C 6 7.79 37.69 12.07
N ALA C 7 7.86 37.26 13.33
CA ALA C 7 8.95 36.42 13.82
C ALA C 7 9.05 35.10 13.06
N GLN C 8 7.90 34.49 12.79
CA GLN C 8 7.84 33.23 12.05
C GLN C 8 8.28 33.40 10.60
N GLU C 9 7.77 34.45 9.95
CA GLU C 9 8.15 34.76 8.57
C GLU C 9 9.65 35.02 8.44
N LEU C 10 10.20 35.79 9.39
CA LEU C 10 11.63 36.07 9.42
C LEU C 10 12.46 34.83 9.64
N MET C 11 12.05 33.99 10.61
CA MET C 11 12.74 32.74 10.89
C MET C 11 12.80 31.87 9.65
N ILE C 12 11.67 31.72 8.96
CA ILE C 12 11.59 30.84 7.79
C ILE C 12 12.47 31.38 6.66
N GLN C 13 12.35 32.68 6.37
CA GLN C 13 13.19 33.32 5.36
C GLN C 13 14.67 33.14 5.61
N GLN C 14 15.08 33.31 6.86
CA GLN C 14 16.49 33.14 7.25
CA GLN C 14 16.50 33.13 7.26
C GLN C 14 16.98 31.71 6.98
N LEU C 15 16.17 30.72 7.37
CA LEU C 15 16.55 29.33 7.17
C LEU C 15 16.68 28.96 5.70
N VAL C 16 15.70 29.37 4.90
CA VAL C 16 15.70 29.07 3.46
C VAL C 16 16.89 29.74 2.79
N ALA C 17 17.13 31.01 3.13
CA ALA C 17 18.29 31.74 2.58
C ALA C 17 19.60 31.09 2.97
N ALA C 18 19.71 30.67 4.24
CA ALA C 18 20.90 30.00 4.74
C ALA C 18 21.20 28.71 4.01
N GLN C 19 20.15 27.92 3.75
CA GLN C 19 20.30 26.67 3.02
C GLN C 19 20.79 26.90 1.59
N LEU C 20 20.21 27.91 0.94
CA LEU C 20 20.61 28.29 -0.41
C LEU C 20 22.08 28.70 -0.48
N GLN C 21 22.50 29.56 0.46
CA GLN C 21 23.88 30.06 0.51
C GLN C 21 24.89 28.95 0.82
N CYS C 22 24.55 28.07 1.77
CA CYS C 22 25.41 26.95 2.14
C CYS C 22 25.59 25.98 0.99
N ASN C 23 24.52 25.77 0.21
CA ASN C 23 24.57 24.88 -0.94
C ASN C 23 25.52 25.34 -2.06
N LYS C 24 25.57 26.66 -2.31
CA LYS C 24 26.49 27.12 -3.35
C LYS C 24 27.90 27.37 -2.84
N ARG C 25 28.22 27.03 -1.59
CA ARG C 25 29.63 26.91 -1.15
C ARG C 25 30.26 25.60 -1.64
N SER C 26 29.44 24.55 -1.68
CA SER C 26 29.90 23.22 -2.07
C SER C 26 29.84 23.03 -3.61
N PHE C 27 29.00 23.84 -4.26
CA PHE C 27 28.84 23.80 -5.72
C PHE C 27 29.89 24.65 -6.40
N SER C 28 29.77 24.72 -7.74
CA SER C 28 30.49 25.69 -8.58
C SER C 28 31.98 25.43 -8.53
N PRO C 31 34.27 20.96 -6.26
CA PRO C 31 33.95 19.56 -6.22
C PRO C 31 35.21 18.76 -5.83
N LYS C 32 35.66 18.98 -4.59
CA LYS C 32 36.81 18.24 -4.04
C LYS C 32 36.48 16.76 -3.82
N VAL C 33 36.43 15.98 -4.93
CA VAL C 33 36.19 14.54 -4.86
C VAL C 33 37.04 13.76 -5.88
N THR C 34 37.64 12.67 -5.41
CA THR C 34 38.23 11.62 -6.25
C THR C 34 37.24 11.18 -7.33
N PRO C 35 37.68 11.09 -8.61
CA PRO C 35 36.76 10.75 -9.70
C PRO C 35 36.12 9.40 -9.56
N TRP C 36 34.89 9.27 -10.04
CA TRP C 36 34.20 7.98 -10.05
C TRP C 36 34.73 7.20 -11.26
N PRO C 37 35.29 5.99 -11.05
CA PRO C 37 35.74 5.19 -12.19
C PRO C 37 34.55 4.57 -12.93
N LEU C 38 34.51 4.55 -14.06
CA LEU C 38 33.61 3.85 -14.99
C LEU C 38 34.07 2.42 -15.25
N GLY C 39 32.88 1.67 -15.26
CA GLY C 39 33.04 0.19 -15.25
C GLY C 39 34.43 -0.40 -15.50
N ASP C 46 41.82 -0.22 -6.04
CA ASP C 46 41.09 -0.60 -7.26
C ASP C 46 39.83 0.28 -7.46
N ALA C 47 39.01 -0.06 -8.46
CA ALA C 47 37.76 0.65 -8.74
C ALA C 47 36.83 0.76 -7.52
N ARG C 48 36.67 -0.35 -6.80
CA ARG C 48 35.84 -0.35 -5.59
C ARG C 48 36.36 0.60 -4.52
N GLN C 49 37.67 0.67 -4.34
CA GLN C 49 38.26 1.59 -3.35
C GLN C 49 38.10 3.06 -3.79
N GLN C 50 38.26 3.28 -5.11
CA GLN C 50 38.06 4.62 -5.67
C GLN C 50 36.61 5.12 -5.51
N ARG C 51 35.66 4.22 -5.74
CA ARG C 51 34.23 4.54 -5.57
C ARG C 51 33.87 4.84 -4.12
N PHE C 52 34.42 4.05 -3.20
CA PHE C 52 34.24 4.27 -1.75
C PHE C 52 34.85 5.61 -1.32
N ALA C 53 36.07 5.90 -1.77
CA ALA C 53 36.70 7.19 -1.50
C ALA C 53 35.83 8.35 -2.01
N HIS C 54 35.35 8.21 -3.23
CA HIS C 54 34.46 9.21 -3.86
C HIS C 54 33.23 9.50 -2.97
N PHE C 55 32.57 8.43 -2.50
CA PHE C 55 31.37 8.58 -1.69
C PHE C 55 31.64 9.22 -0.32
N THR C 56 32.74 8.82 0.33
CA THR C 56 33.13 9.42 1.61
C THR C 56 33.55 10.90 1.45
N GLU C 57 34.12 11.24 0.31
CA GLU C 57 34.49 12.64 0.02
C GLU C 57 33.26 13.52 -0.24
N LEU C 58 32.25 12.96 -0.91
CA LEU C 58 30.95 13.62 -1.00
C LEU C 58 30.33 13.87 0.38
N ALA C 59 30.44 12.85 1.26
CA ALA C 59 29.94 12.96 2.62
C ALA C 59 30.63 14.09 3.40
N ILE C 60 31.95 14.23 3.23
CA ILE C 60 32.70 15.33 3.86
C ILE C 60 32.15 16.70 3.41
N ILE C 61 31.89 16.85 2.11
CA ILE C 61 31.29 18.05 1.57
C ILE C 61 29.92 18.32 2.24
N SER C 62 29.11 17.25 2.36
CA SER C 62 27.82 17.36 3.02
C SER C 62 27.95 17.79 4.50
N VAL C 63 28.90 17.21 5.22
CA VAL C 63 29.14 17.58 6.63
C VAL C 63 29.48 19.06 6.77
N GLN C 64 30.32 19.57 5.86
CA GLN C 64 30.70 20.99 5.87
C GLN C 64 29.50 21.91 5.59
N GLU C 65 28.62 21.49 4.68
CA GLU C 65 27.36 22.18 4.41
C GLU C 65 26.44 22.23 5.68
N ILE C 66 26.36 21.10 6.36
CA ILE C 66 25.53 20.96 7.55
C ILE C 66 26.02 21.87 8.70
N VAL C 67 27.33 21.88 8.91
CA VAL C 67 27.97 22.75 9.91
C VAL C 67 27.71 24.22 9.59
N ASP C 68 27.91 24.59 8.33
CA ASP C 68 27.66 25.95 7.85
C ASP C 68 26.22 26.37 8.05
N PHE C 69 25.26 25.47 7.79
CA PHE C 69 23.85 25.76 8.01
C PHE C 69 23.53 25.91 9.51
N ALA C 70 24.01 24.93 10.31
CA ALA C 70 23.74 24.90 11.74
C ALA C 70 24.13 26.20 12.44
N LYS C 71 25.32 26.72 12.10
CA LYS C 71 25.79 28.02 12.59
C LYS C 71 24.80 29.18 12.35
N GLN C 72 24.04 29.10 11.27
CA GLN C 72 23.07 30.14 10.90
C GLN C 72 21.65 29.92 11.44
N VAL C 73 21.41 28.79 12.10
CA VAL C 73 20.09 28.52 12.70
C VAL C 73 19.99 29.26 14.03
N PRO C 74 19.04 30.21 14.17
CA PRO C 74 18.92 30.95 15.44
C PRO C 74 18.79 30.04 16.66
N GLY C 75 19.61 30.29 17.66
CA GLY C 75 19.64 29.47 18.87
C GLY C 75 20.81 28.51 18.95
N PHE C 76 21.32 28.05 17.81
CA PHE C 76 22.34 27.00 17.82
C PHE C 76 23.64 27.48 18.50
N LEU C 77 24.06 28.73 18.24
CA LEU C 77 25.26 29.27 18.85
C LEU C 77 25.07 29.67 20.32
N GLN C 78 23.83 29.70 20.82
CA GLN C 78 23.58 29.90 22.25
C GLN C 78 23.90 28.67 23.09
N LEU C 79 23.93 27.50 22.44
CA LEU C 79 24.26 26.26 23.14
C LEU C 79 25.75 26.21 23.44
N GLY C 80 26.12 25.45 24.47
CA GLY C 80 27.51 25.17 24.77
C GLY C 80 28.16 24.37 23.65
N ARG C 81 29.47 24.48 23.54
CA ARG C 81 30.21 23.85 22.44
C ARG C 81 30.01 22.32 22.41
N GLU C 82 29.95 21.71 23.59
CA GLU C 82 29.71 20.27 23.72
C GLU C 82 28.33 19.85 23.20
N ASP C 83 27.31 20.66 23.44
CA ASP C 83 25.95 20.40 22.92
C ASP C 83 25.86 20.62 21.42
N GLN C 84 26.54 21.67 20.93
CA GLN C 84 26.68 21.86 19.48
C GLN C 84 27.24 20.61 18.81
N ILE C 85 28.29 20.06 19.40
CA ILE C 85 28.94 18.83 18.91
C ILE C 85 28.00 17.63 19.01
N ALA C 86 27.37 17.44 20.17
CA ALA C 86 26.47 16.32 20.41
C ALA C 86 25.28 16.31 19.45
N LEU C 87 24.67 17.48 19.25
CA LEU C 87 23.51 17.59 18.37
C LEU C 87 23.88 17.35 16.91
N LEU C 88 24.97 17.97 16.44
CA LEU C 88 25.41 17.79 15.05
C LEU C 88 25.93 16.39 14.75
N LYS C 89 26.64 15.78 15.70
CA LYS C 89 27.09 14.40 15.58
C LYS C 89 25.91 13.46 15.28
N ALA C 90 24.82 13.60 16.04
CA ALA C 90 23.66 12.75 15.85
C ALA C 90 22.81 13.15 14.63
N SER C 91 22.70 14.46 14.39
CA SER C 91 21.85 14.98 13.30
C SER C 91 22.42 14.76 11.89
N THR C 92 23.74 14.69 11.78
CA THR C 92 24.40 14.67 10.47
C THR C 92 23.85 13.61 9.53
N ILE C 93 23.81 12.35 9.96
CA ILE C 93 23.27 11.28 9.09
C ILE C 93 21.82 11.53 8.69
N GLU C 94 21.02 12.01 9.64
CA GLU C 94 19.61 12.27 9.40
C GLU C 94 19.39 13.40 8.40
N ILE C 95 20.20 14.46 8.50
CA ILE C 95 20.16 15.57 7.54
C ILE C 95 20.62 15.08 6.17
N MET C 96 21.70 14.29 6.12
CA MET C 96 22.16 13.69 4.85
C MET C 96 21.07 12.87 4.17
N LEU C 97 20.29 12.12 4.97
CA LEU C 97 19.17 11.35 4.43
C LEU C 97 18.05 12.24 3.89
N LEU C 98 17.73 13.33 4.60
CA LEU C 98 16.75 14.30 4.09
C LEU C 98 17.24 14.92 2.79
N GLU C 99 18.51 15.29 2.73
CA GLU C 99 19.10 15.89 1.53
C GLU C 99 19.18 14.90 0.39
N THR C 100 19.44 13.63 0.69
CA THR C 100 19.39 12.53 -0.28
C THR C 100 17.97 12.39 -0.87
N ALA C 101 16.97 12.36 0.00
CA ALA C 101 15.58 12.28 -0.41
C ALA C 101 15.17 13.47 -1.30
N ARG C 102 15.63 14.65 -0.92
CA ARG C 102 15.38 15.88 -1.66
C ARG C 102 15.94 15.83 -3.10
N ARG C 103 17.03 15.10 -3.29
CA ARG C 103 17.70 14.97 -4.58
C ARG C 103 17.30 13.72 -5.39
N TYR C 104 16.26 13.01 -4.93
CA TYR C 104 15.77 11.81 -5.59
C TYR C 104 14.88 12.16 -6.78
N ASN C 105 15.12 11.48 -7.90
CA ASN C 105 14.36 11.65 -9.14
C ASN C 105 13.62 10.33 -9.38
N HIS C 106 12.30 10.36 -9.28
CA HIS C 106 11.49 9.12 -9.37
C HIS C 106 11.45 8.48 -10.76
N GLU C 107 11.52 9.30 -11.79
CA GLU C 107 11.55 8.84 -13.20
C GLU C 107 12.75 7.97 -13.51
N THR C 108 13.94 8.45 -13.14
CA THR C 108 15.20 7.72 -13.32
C THR C 108 15.50 6.77 -12.16
N GLU C 109 14.88 7.01 -11.01
CA GLU C 109 15.19 6.32 -9.73
C GLU C 109 16.65 6.54 -9.30
N CYS C 110 17.20 7.72 -9.62
CA CYS C 110 18.57 8.09 -9.27
C CYS C 110 18.57 9.31 -8.36
N ILE C 111 19.67 9.46 -7.62
CA ILE C 111 19.90 10.58 -6.71
C ILE C 111 21.01 11.44 -7.29
N THR C 112 20.79 12.76 -7.38
CA THR C 112 21.79 13.69 -7.93
C THR C 112 22.42 14.57 -6.84
N PHE C 113 23.72 14.43 -6.62
CA PHE C 113 24.47 15.26 -5.68
C PHE C 113 25.33 16.28 -6.42
N LEU C 114 25.55 17.43 -5.78
CA LEU C 114 26.32 18.55 -6.33
C LEU C 114 25.57 19.03 -7.58
N LYS C 115 26.26 19.36 -8.67
CA LYS C 115 25.52 19.79 -9.89
C LYS C 115 24.91 18.63 -10.70
N ASP C 116 25.72 17.61 -10.97
CA ASP C 116 25.39 16.58 -12.00
C ASP C 116 26.01 15.19 -11.73
N PHE C 117 26.19 14.85 -10.45
CA PHE C 117 26.71 13.55 -10.03
C PHE C 117 25.51 12.69 -9.63
N THR C 118 25.10 11.79 -10.52
CA THR C 118 23.85 11.06 -10.39
C THR C 118 24.14 9.57 -10.15
N TYR C 119 23.45 9.00 -9.15
CA TYR C 119 23.69 7.64 -8.69
C TYR C 119 22.39 6.85 -8.59
N SER C 120 22.42 5.64 -9.12
CA SER C 120 21.33 4.66 -9.00
C SER C 120 21.51 3.82 -7.74
N LYS C 121 20.51 3.00 -7.44
CA LYS C 121 20.62 1.95 -6.39
C LYS C 121 21.90 1.12 -6.54
N ASP C 122 22.18 0.69 -7.76
CA ASP C 122 23.36 -0.14 -8.03
C ASP C 122 24.68 0.62 -7.80
N ASP C 123 24.70 1.90 -8.13
CA ASP C 123 25.88 2.75 -7.86
C ASP C 123 26.16 2.86 -6.37
N PHE C 124 25.13 2.93 -5.54
CA PHE C 124 25.27 2.90 -4.09
C PHE C 124 25.95 1.59 -3.63
N HIS C 125 25.53 0.46 -4.20
CA HIS C 125 26.18 -0.82 -3.90
CA HIS C 125 26.17 -0.84 -3.91
C HIS C 125 27.63 -0.83 -4.36
N ARG C 126 27.88 -0.31 -5.57
CA ARG C 126 29.24 -0.22 -6.10
C ARG C 126 30.17 0.71 -5.28
N ALA C 127 29.56 1.68 -4.57
CA ALA C 127 30.30 2.53 -3.64
C ALA C 127 30.63 1.87 -2.29
N GLY C 128 30.15 0.65 -2.06
CA GLY C 128 30.48 -0.12 -0.86
C GLY C 128 29.38 -0.23 0.18
N LEU C 129 28.18 0.28 -0.11
CA LEU C 129 27.07 0.23 0.85
C LEU C 129 26.32 -1.11 0.70
N GLN C 130 25.78 -1.61 1.81
CA GLN C 130 25.01 -2.84 1.84
C GLN C 130 23.54 -2.58 1.51
N VAL C 131 22.91 -3.62 0.98
CA VAL C 131 21.51 -3.62 0.57
C VAL C 131 20.57 -3.29 1.75
N GLU C 132 20.96 -3.72 2.96
CA GLU C 132 20.18 -3.47 4.18
C GLU C 132 20.04 -1.97 4.51
N PHE C 133 20.99 -1.16 4.04
CA PHE C 133 20.95 0.30 4.19
C PHE C 133 20.42 0.99 2.93
N ILE C 134 20.84 0.51 1.75
CA ILE C 134 20.42 1.09 0.48
C ILE C 134 18.91 1.02 0.26
N ASN C 135 18.30 -0.14 0.53
CA ASN C 135 16.85 -0.28 0.31
C ASN C 135 16.04 0.72 1.15
N PRO C 136 16.28 0.79 2.47
CA PRO C 136 15.61 1.83 3.28
C PRO C 136 15.88 3.28 2.87
N ILE C 137 17.08 3.59 2.37
CA ILE C 137 17.37 4.94 1.85
C ILE C 137 16.40 5.29 0.71
N PHE C 138 16.25 4.36 -0.22
CA PHE C 138 15.39 4.59 -1.38
C PHE C 138 13.89 4.56 -1.03
N GLU C 139 13.50 3.71 -0.08
CA GLU C 139 12.13 3.72 0.46
C GLU C 139 11.81 5.07 1.13
N PHE C 140 12.74 5.57 1.93
CA PHE C 140 12.61 6.87 2.57
C PHE C 140 12.52 8.01 1.56
N SER C 141 13.36 7.96 0.53
CA SER C 141 13.34 8.94 -0.56
C SER C 141 11.98 8.98 -1.30
N ARG C 142 11.46 7.80 -1.61
CA ARG C 142 10.12 7.66 -2.20
C ARG C 142 9.02 8.23 -1.30
N ALA C 143 9.08 7.91 0.00
CA ALA C 143 8.14 8.43 0.99
C ALA C 143 8.19 9.94 1.15
N MET C 144 9.39 10.49 1.15
CA MET C 144 9.58 11.94 1.21
C MET C 144 9.05 12.64 -0.02
N ARG C 145 9.29 12.05 -1.20
CA ARG C 145 8.76 12.60 -2.46
C ARG C 145 7.23 12.74 -2.40
N ARG C 146 6.55 11.74 -1.87
CA ARG C 146 5.08 11.77 -1.75
C ARG C 146 4.57 12.93 -0.88
N LEU C 147 5.36 13.34 0.13
CA LEU C 147 4.99 14.48 0.99
C LEU C 147 5.06 15.84 0.27
N GLY C 148 5.90 15.93 -0.78
CA GLY C 148 6.07 17.15 -1.52
C GLY C 148 6.41 18.37 -0.70
N LEU C 149 7.46 18.27 0.10
CA LEU C 149 7.92 19.40 0.94
C LEU C 149 8.45 20.51 0.05
N ASP C 150 8.12 21.76 0.40
CA ASP C 150 8.75 22.93 -0.24
C ASP C 150 10.00 23.37 0.54
N ASP C 151 10.67 24.42 0.07
CA ASP C 151 11.91 24.89 0.71
C ASP C 151 11.77 25.23 2.18
N ALA C 152 10.66 25.90 2.52
CA ALA C 152 10.38 26.28 3.91
C ALA C 152 10.24 25.05 4.82
N GLU C 153 9.52 24.05 4.33
CA GLU C 153 9.26 22.83 5.11
C GLU C 153 10.53 22.02 5.33
N TYR C 154 11.36 21.84 4.29
CA TYR C 154 12.66 21.17 4.44
C TYR C 154 13.55 21.90 5.46
N ALA C 155 13.65 23.23 5.32
CA ALA C 155 14.45 24.05 6.22
C ALA C 155 14.01 23.92 7.67
N LEU C 156 12.70 24.01 7.91
CA LEU C 156 12.15 23.88 9.26
C LEU C 156 12.36 22.48 9.82
N LEU C 157 12.16 21.44 9.00
CA LEU C 157 12.34 20.07 9.46
C LEU C 157 13.78 19.80 9.87
N ILE C 158 14.72 20.39 9.14
CA ILE C 158 16.15 20.29 9.46
C ILE C 158 16.46 20.97 10.81
N ALA C 159 15.93 22.17 11.02
CA ALA C 159 16.09 22.90 12.30
C ALA C 159 15.49 22.10 13.46
N ILE C 160 14.30 21.55 13.25
CA ILE C 160 13.63 20.71 14.25
C ILE C 160 14.53 19.51 14.58
N ASN C 161 15.09 18.87 13.55
CA ASN C 161 15.99 17.72 13.71
C ASN C 161 17.24 18.07 14.54
N ILE C 162 17.84 19.23 14.27
CA ILE C 162 19.05 19.64 14.99
C ILE C 162 18.77 19.78 16.49
N PHE C 163 17.67 20.43 16.85
CA PHE C 163 17.31 20.65 18.26
C PHE C 163 16.53 19.48 18.88
N SER C 164 17.12 18.30 18.83
CA SER C 164 16.52 17.10 19.43
C SER C 164 17.15 16.85 20.79
N ALA C 165 16.37 17.09 21.84
CA ALA C 165 16.88 17.04 23.22
C ALA C 165 17.36 15.68 23.71
N ASP C 166 16.89 14.62 23.07
CA ASP C 166 17.18 13.23 23.50
C ASP C 166 18.43 12.61 22.86
N ARG C 167 19.26 13.39 22.17
CA ARG C 167 20.51 12.88 21.60
C ARG C 167 21.47 12.48 22.70
N PRO C 168 22.29 11.44 22.47
CA PRO C 168 23.27 11.05 23.50
C PRO C 168 24.23 12.19 23.83
N ASN C 169 24.60 12.29 25.11
CA ASN C 169 25.60 13.25 25.60
C ASN C 169 25.21 14.74 25.58
N VAL C 170 23.92 15.03 25.43
CA VAL C 170 23.43 16.41 25.51
C VAL C 170 23.42 16.83 26.98
N GLN C 171 24.08 17.95 27.25
CA GLN C 171 24.22 18.50 28.61
C GLN C 171 23.02 19.30 29.08
N GLU C 172 22.33 19.97 28.16
CA GLU C 172 21.20 20.82 28.48
C GLU C 172 19.94 20.47 27.68
N PRO C 173 19.36 19.27 27.90
CA PRO C 173 18.19 18.85 27.10
C PRO C 173 16.98 19.79 27.19
N GLY C 174 16.73 20.36 28.37
CA GLY C 174 15.65 21.32 28.55
C GLY C 174 15.81 22.55 27.68
N ARG C 175 17.04 23.08 27.60
CA ARG C 175 17.33 24.21 26.71
C ARG C 175 17.14 23.86 25.26
N VAL C 176 17.63 22.68 24.87
CA VAL C 176 17.50 22.19 23.49
C VAL C 176 16.03 22.08 23.10
N GLU C 177 15.22 21.48 23.96
CA GLU C 177 13.78 21.33 23.70
C GLU C 177 13.08 22.70 23.57
N ALA C 178 13.48 23.66 24.41
CA ALA C 178 12.95 25.02 24.34
C ALA C 178 13.30 25.68 23.01
N LEU C 179 14.52 25.50 22.53
CA LEU C 179 14.96 26.02 21.23
C LEU C 179 14.28 25.33 20.06
N GLN C 180 13.92 24.05 20.20
CA GLN C 180 13.17 23.33 19.16
C GLN C 180 11.74 23.87 18.97
N GLN C 181 11.11 24.28 20.07
CA GLN C 181 9.67 24.59 20.08
CA GLN C 181 9.67 24.61 20.09
C GLN C 181 9.22 25.63 19.03
N PRO C 182 9.90 26.80 18.94
CA PRO C 182 9.49 27.78 17.93
C PRO C 182 9.50 27.27 16.48
N TYR C 183 10.40 26.33 16.16
CA TYR C 183 10.46 25.74 14.83
C TYR C 183 9.29 24.75 14.59
N VAL C 184 8.93 23.99 15.62
CA VAL C 184 7.75 23.12 15.57
C VAL C 184 6.48 23.99 15.39
N GLU C 185 6.36 25.04 16.19
CA GLU C 185 5.24 26.00 16.09
CA GLU C 185 5.24 25.99 16.09
C GLU C 185 5.17 26.67 14.71
N ALA C 186 6.31 27.06 14.17
CA ALA C 186 6.40 27.68 12.84
C ALA C 186 5.95 26.70 11.73
N LEU C 187 6.40 25.46 11.82
CA LEU C 187 5.97 24.43 10.88
C LEU C 187 4.47 24.13 10.97
N LEU C 188 3.93 24.10 12.18
CA LEU C 188 2.49 23.92 12.42
C LEU C 188 1.71 25.04 11.73
N SER C 189 2.10 26.29 12.01
CA SER C 189 1.47 27.46 11.38
C SER C 189 1.61 27.47 9.86
N TYR C 190 2.83 27.20 9.37
CA TYR C 190 3.10 27.19 7.94
C TYR C 190 2.23 26.17 7.18
N THR C 191 2.20 24.94 7.68
CA THR C 191 1.42 23.88 7.02
C THR C 191 -0.10 24.13 7.07
N ARG C 192 -0.57 24.67 8.19
CA ARG C 192 -1.99 25.04 8.33
C ARG C 192 -2.43 26.15 7.38
N ILE C 193 -1.53 27.05 7.05
CA ILE C 193 -1.71 28.06 6.00
C ILE C 193 -1.56 27.53 4.56
N LYS C 194 -0.48 26.78 4.30
CA LYS C 194 -0.25 26.25 2.94
C LYS C 194 -1.31 25.24 2.44
N ARG C 195 -1.73 24.35 3.35
CA ARG C 195 -2.70 23.32 3.05
C ARG C 195 -3.75 23.27 4.19
N PRO C 196 -4.64 24.27 4.24
CA PRO C 196 -5.67 24.32 5.28
C PRO C 196 -6.71 23.20 5.31
N GLN C 197 -6.80 22.42 4.24
CA GLN C 197 -7.70 21.25 4.17
C GLN C 197 -7.00 19.96 4.55
N ASP C 198 -5.66 19.89 4.44
CA ASP C 198 -4.90 18.71 4.84
C ASP C 198 -4.34 18.78 6.29
N GLN C 199 -5.17 18.27 7.19
CA GLN C 199 -4.91 18.33 8.64
C GLN C 199 -3.80 17.33 9.06
N LEU C 200 -3.54 16.32 8.21
CA LEU C 200 -2.57 15.30 8.52
C LEU C 200 -1.16 15.58 8.02
N ARG C 201 -0.97 16.67 7.29
CA ARG C 201 0.35 16.94 6.70
C ARG C 201 1.43 17.13 7.78
N PHE C 202 1.08 17.94 8.77
CA PHE C 202 1.98 18.27 9.87
C PHE C 202 2.43 17.05 10.67
N PRO C 203 1.47 16.23 11.17
CA PRO C 203 1.92 15.01 11.87
C PRO C 203 2.73 14.07 10.98
N ARG C 204 2.38 13.95 9.70
CA ARG C 204 3.16 13.10 8.78
C ARG C 204 4.61 13.56 8.65
N MET C 205 4.82 14.88 8.60
CA MET C 205 6.15 15.46 8.62
C MET C 205 6.95 15.09 9.87
N LEU C 206 6.33 15.27 11.03
CA LEU C 206 6.98 14.92 12.29
C LEU C 206 7.25 13.42 12.41
N MET C 207 6.38 12.60 11.84
CA MET C 207 6.62 11.15 11.78
C MET C 207 7.85 10.80 10.96
N LYS C 208 8.27 11.66 10.02
CA LYS C 208 9.54 11.46 9.33
C LYS C 208 10.75 11.53 10.25
N LEU C 209 10.69 12.33 11.31
CA LEU C 209 11.73 12.33 12.35
C LEU C 209 11.84 10.95 13.01
N VAL C 210 10.71 10.27 13.14
CA VAL C 210 10.68 8.90 13.68
C VAL C 210 11.42 7.98 12.71
N SER C 211 11.08 8.04 11.42
CA SER C 211 11.75 7.25 10.38
C SER C 211 13.26 7.44 10.35
N LEU C 212 13.66 8.71 10.51
CA LEU C 212 15.07 9.09 10.50
C LEU C 212 15.83 8.44 11.63
N ARG C 213 15.20 8.31 12.80
CA ARG C 213 15.84 7.66 13.95
C ARG C 213 16.15 6.21 13.66
N THR C 214 15.20 5.51 13.05
CA THR C 214 15.42 4.15 12.62
C THR C 214 16.54 4.09 11.59
N LEU C 215 16.53 5.00 10.61
CA LEU C 215 17.57 5.01 9.59
C LEU C 215 18.96 5.25 10.16
N SER C 216 19.04 6.04 11.23
CA SER C 216 20.28 6.24 11.98
C SER C 216 20.83 4.92 12.54
N SER C 217 19.94 4.09 13.08
CA SER C 217 20.32 2.77 13.59
C SER C 217 20.80 1.85 12.47
N VAL C 218 20.10 1.87 11.34
CA VAL C 218 20.49 1.06 10.17
C VAL C 218 21.84 1.53 9.62
N HIS C 219 22.05 2.84 9.62
CA HIS C 219 23.35 3.41 9.25
C HIS C 219 24.47 2.96 10.20
N SER C 220 24.19 2.91 11.51
CA SER C 220 25.18 2.45 12.48
C SER C 220 25.61 1.01 12.22
N GLU C 221 24.65 0.18 11.80
CA GLU C 221 24.93 -1.20 11.37
C GLU C 221 25.80 -1.23 10.11
N GLN C 222 25.52 -0.33 9.16
CA GLN C 222 26.37 -0.16 7.97
C GLN C 222 27.80 0.21 8.35
N VAL C 223 27.95 1.16 9.27
CA VAL C 223 29.28 1.61 9.74
C VAL C 223 30.02 0.45 10.40
N PHE C 224 29.32 -0.34 11.21
CA PHE C 224 29.89 -1.55 11.81
C PHE C 224 30.35 -2.58 10.78
N ALA C 225 29.53 -2.79 9.75
CA ALA C 225 29.87 -3.70 8.64
C ALA C 225 31.15 -3.29 7.89
N LEU C 226 31.37 -1.98 7.74
CA LEU C 226 32.60 -1.47 7.13
C LEU C 226 33.82 -1.76 7.98
N ARG C 227 33.66 -1.70 9.30
CA ARG C 227 34.72 -2.06 10.26
C ARG C 227 35.21 -3.49 10.09
N LEU C 228 34.29 -4.43 9.84
CA LEU C 228 34.69 -5.83 9.62
C LEU C 228 35.32 -6.05 8.24
N GLN C 229 34.94 -5.24 7.25
CA GLN C 229 35.61 -5.23 5.94
C GLN C 229 36.92 -4.44 5.98
N ASP C 230 37.21 -3.78 7.10
CA ASP C 230 38.30 -2.83 7.23
C ASP C 230 38.36 -1.68 6.19
N LYS C 231 37.22 -1.26 5.71
CA LYS C 231 37.09 -0.03 4.89
C LYS C 231 37.01 1.20 5.80
N LYS C 232 38.10 1.96 5.83
CA LYS C 232 38.33 2.94 6.89
C LYS C 232 37.78 4.31 6.49
N LEU C 233 37.04 4.92 7.41
CA LEU C 233 36.42 6.22 7.14
C LEU C 233 37.45 7.33 7.34
N PRO C 234 37.34 8.43 6.58
CA PRO C 234 38.19 9.57 6.88
C PRO C 234 37.88 10.15 8.26
N PRO C 235 38.86 10.84 8.89
CA PRO C 235 38.78 11.24 10.30
C PRO C 235 37.49 11.95 10.72
N LEU C 236 37.00 12.86 9.90
CA LEU C 236 35.77 13.62 10.22
C LEU C 236 34.59 12.67 10.37
N LEU C 237 34.42 11.77 9.40
CA LEU C 237 33.31 10.82 9.41
C LEU C 237 33.48 9.78 10.54
N SER C 238 34.73 9.35 10.75
CA SER C 238 35.06 8.43 11.86
C SER C 238 34.71 9.04 13.22
N GLU C 239 35.04 10.32 13.40
CA GLU C 239 34.74 11.02 14.65
C GLU C 239 33.24 11.06 14.94
N ILE C 240 32.42 11.30 13.90
CA ILE C 240 30.98 11.39 14.07
C ILE C 240 30.29 10.02 14.14
N TRP C 241 30.78 9.06 13.38
CA TRP C 241 30.11 7.76 13.21
C TRP C 241 30.69 6.51 13.88
N ASP C 242 32.00 6.44 14.02
CA ASP C 242 32.64 5.27 14.65
C ASP C 242 32.52 5.32 16.17
N VAL C 243 32.21 4.22 16.81
CA VAL C 243 32.37 4.11 18.27
C VAL C 243 32.98 2.77 18.44
N GLN D 3 -14.78 17.85 14.56
CA GLN D 3 -13.41 17.30 14.32
C GLN D 3 -13.11 16.02 15.13
N LEU D 4 -13.79 15.79 16.25
CA LEU D 4 -13.73 14.48 16.92
C LEU D 4 -15.11 13.84 16.72
N THR D 5 -15.20 12.91 15.79
CA THR D 5 -16.48 12.35 15.36
C THR D 5 -16.92 11.28 16.35
N ALA D 6 -18.21 10.95 16.30
CA ALA D 6 -18.78 9.83 17.05
C ALA D 6 -18.04 8.53 16.77
N ALA D 7 -17.76 8.27 15.50
CA ALA D 7 -17.03 7.07 15.07
C ALA D 7 -15.64 7.01 15.69
N GLN D 8 -14.95 8.15 15.74
CA GLN D 8 -13.62 8.23 16.35
C GLN D 8 -13.69 7.99 17.87
N GLU D 9 -14.64 8.64 18.55
CA GLU D 9 -14.85 8.41 19.98
C GLU D 9 -15.15 6.95 20.32
N LEU D 10 -16.01 6.33 19.52
CA LEU D 10 -16.32 4.91 19.67
C LEU D 10 -15.09 4.01 19.46
N MET D 11 -14.35 4.28 18.40
CA MET D 11 -13.11 3.55 18.11
C MET D 11 -12.12 3.64 19.29
N ILE D 12 -11.94 4.82 19.83
CA ILE D 12 -11.04 5.04 20.97
C ILE D 12 -11.52 4.29 22.24
N GLN D 13 -12.80 4.40 22.55
CA GLN D 13 -13.41 3.65 23.65
C GLN D 13 -13.20 2.13 23.53
N GLN D 14 -13.37 1.61 22.32
CA GLN D 14 -13.13 0.19 22.02
C GLN D 14 -11.67 -0.20 22.24
N LEU D 15 -10.73 0.62 21.79
CA LEU D 15 -9.29 0.36 22.03
C LEU D 15 -8.95 0.32 23.52
N VAL D 16 -9.44 1.29 24.28
CA VAL D 16 -9.20 1.37 25.72
C VAL D 16 -9.80 0.13 26.41
N ALA D 17 -11.04 -0.23 26.05
CA ALA D 17 -11.69 -1.43 26.58
C ALA D 17 -10.91 -2.71 26.25
N ALA D 18 -10.42 -2.81 25.01
CA ALA D 18 -9.60 -3.94 24.58
C ALA D 18 -8.30 -4.07 25.39
N GLN D 19 -7.67 -2.94 25.66
CA GLN D 19 -6.45 -2.92 26.48
C GLN D 19 -6.72 -3.37 27.92
N LEU D 20 -7.82 -2.90 28.47
CA LEU D 20 -8.28 -3.30 29.81
C LEU D 20 -8.51 -4.82 29.89
N GLN D 21 -9.23 -5.36 28.91
CA GLN D 21 -9.52 -6.81 28.85
C GLN D 21 -8.26 -7.66 28.66
N CYS D 22 -7.36 -7.22 27.80
CA CYS D 22 -6.06 -7.90 27.58
C CYS D 22 -5.22 -7.91 28.87
N ASN D 23 -5.23 -6.80 29.59
CA ASN D 23 -4.53 -6.68 30.86
C ASN D 23 -5.12 -7.56 31.97
N LYS D 24 -6.44 -7.71 31.98
CA LYS D 24 -7.12 -8.63 32.90
C LYS D 24 -6.72 -10.10 32.68
N ARG D 25 -6.40 -10.47 31.44
CA ARG D 25 -5.93 -11.82 31.11
C ARG D 25 -4.47 -12.07 31.51
N SER D 26 -3.67 -11.01 31.51
CA SER D 26 -2.30 -11.07 32.04
C SER D 26 -2.20 -11.44 33.52
N PHE D 27 -3.26 -11.21 34.29
CA PHE D 27 -3.28 -11.57 35.72
C PHE D 27 -3.67 -13.01 35.87
N SER D 28 -4.94 -13.32 35.59
CA SER D 28 -5.53 -14.66 35.81
C SER D 28 -4.73 -15.83 35.23
N ASP D 46 22.20 -18.04 42.92
CA ASP D 46 20.82 -18.51 43.00
C ASP D 46 19.89 -17.29 42.87
N ALA D 47 19.98 -16.36 43.82
CA ALA D 47 19.07 -15.21 43.89
C ALA D 47 19.14 -14.34 42.63
N ARG D 48 20.36 -14.08 42.14
CA ARG D 48 20.57 -13.32 40.90
C ARG D 48 19.88 -13.96 39.70
N GLN D 49 19.98 -15.31 39.59
CA GLN D 49 19.36 -16.01 38.48
C GLN D 49 17.83 -16.02 38.62
N GLN D 50 17.35 -16.14 39.85
CA GLN D 50 15.92 -16.09 40.14
C GLN D 50 15.31 -14.73 39.79
N ARG D 51 16.02 -13.64 40.10
CA ARG D 51 15.57 -12.29 39.76
C ARG D 51 15.49 -12.08 38.24
N PHE D 52 16.52 -12.56 37.53
CA PHE D 52 16.57 -12.50 36.08
C PHE D 52 15.45 -13.31 35.43
N ALA D 53 15.25 -14.54 35.92
CA ALA D 53 14.16 -15.39 35.45
C ALA D 53 12.80 -14.70 35.66
N HIS D 54 12.61 -14.12 36.84
CA HIS D 54 11.40 -13.40 37.16
C HIS D 54 11.11 -12.27 36.18
N PHE D 55 12.13 -11.47 35.88
CA PHE D 55 11.99 -10.33 34.95
C PHE D 55 11.69 -10.80 33.50
N THR D 56 12.37 -11.85 33.05
CA THR D 56 12.10 -12.39 31.69
C THR D 56 10.71 -13.04 31.60
N GLU D 57 10.23 -13.61 32.70
CA GLU D 57 8.88 -14.18 32.74
C GLU D 57 7.79 -13.09 32.72
N LEU D 58 8.05 -11.96 33.38
CA LEU D 58 7.20 -10.78 33.25
C LEU D 58 7.18 -10.27 31.82
N ALA D 59 8.34 -10.26 31.16
CA ALA D 59 8.44 -9.86 29.76
C ALA D 59 7.58 -10.74 28.86
N ILE D 60 7.61 -12.06 29.09
CA ILE D 60 6.78 -13.00 28.33
C ILE D 60 5.30 -12.68 28.49
N ILE D 61 4.86 -12.40 29.72
CA ILE D 61 3.48 -11.98 29.99
C ILE D 61 3.16 -10.70 29.21
N SER D 62 4.07 -9.74 29.21
CA SER D 62 3.90 -8.50 28.44
C SER D 62 3.77 -8.76 26.94
N VAL D 63 4.61 -9.64 26.39
CA VAL D 63 4.55 -10.00 24.96
C VAL D 63 3.19 -10.59 24.60
N GLN D 64 2.69 -11.48 25.46
CA GLN D 64 1.37 -12.11 25.25
C GLN D 64 0.23 -11.07 25.30
N GLU D 65 0.34 -10.10 26.21
CA GLU D 65 -0.59 -8.96 26.27
C GLU D 65 -0.57 -8.11 25.00
N ILE D 66 0.62 -7.85 24.49
CA ILE D 66 0.82 -7.04 23.29
C ILE D 66 0.20 -7.74 22.06
N VAL D 67 0.45 -9.04 21.93
CA VAL D 67 -0.13 -9.83 20.84
C VAL D 67 -1.66 -9.83 20.92
N ASP D 68 -2.18 -10.05 22.12
CA ASP D 68 -3.63 -10.05 22.38
C ASP D 68 -4.26 -8.70 22.02
N PHE D 69 -3.60 -7.59 22.39
CA PHE D 69 -4.08 -6.26 22.04
C PHE D 69 -3.99 -5.99 20.54
N ALA D 70 -2.85 -6.30 19.93
CA ALA D 70 -2.63 -6.08 18.48
C ALA D 70 -3.72 -6.71 17.63
N LYS D 71 -4.06 -7.96 17.94
CA LYS D 71 -5.17 -8.67 17.27
C LYS D 71 -6.50 -7.90 17.30
N GLN D 72 -6.73 -7.11 18.33
CA GLN D 72 -7.96 -6.33 18.51
CA GLN D 72 -7.97 -6.33 18.50
C GLN D 72 -7.89 -4.91 17.95
N VAL D 73 -6.72 -4.48 17.46
CA VAL D 73 -6.57 -3.17 16.83
C VAL D 73 -7.08 -3.29 15.38
N PRO D 74 -8.14 -2.52 15.04
CA PRO D 74 -8.70 -2.63 13.68
C PRO D 74 -7.65 -2.41 12.59
N GLY D 75 -7.62 -3.33 11.63
CA GLY D 75 -6.67 -3.30 10.54
C GLY D 75 -5.50 -4.26 10.71
N PHE D 76 -5.16 -4.65 11.93
CA PHE D 76 -3.97 -5.49 12.14
C PHE D 76 -4.04 -6.84 11.42
N LEU D 77 -5.19 -7.46 11.44
CA LEU D 77 -5.43 -8.75 10.77
C LEU D 77 -5.49 -8.65 9.23
N GLN D 78 -5.64 -7.43 8.70
CA GLN D 78 -5.57 -7.20 7.26
C GLN D 78 -4.14 -7.28 6.73
N LEU D 79 -3.13 -7.12 7.60
CA LEU D 79 -1.75 -7.27 7.18
C LEU D 79 -1.39 -8.72 6.88
N GLY D 80 -0.40 -8.90 5.99
CA GLY D 80 0.15 -10.23 5.74
C GLY D 80 0.90 -10.70 6.96
N ARG D 81 1.00 -12.02 7.12
CA ARG D 81 1.67 -12.63 8.28
C ARG D 81 3.10 -12.13 8.45
N GLU D 82 3.84 -11.94 7.34
CA GLU D 82 5.21 -11.45 7.43
C GLU D 82 5.30 -10.03 7.99
N ASP D 83 4.36 -9.16 7.58
CA ASP D 83 4.31 -7.79 8.10
C ASP D 83 3.85 -7.74 9.55
N GLN D 84 2.88 -8.58 9.92
CA GLN D 84 2.48 -8.72 11.33
C GLN D 84 3.68 -9.07 12.20
N ILE D 85 4.49 -10.02 11.74
CA ILE D 85 5.71 -10.41 12.44
C ILE D 85 6.73 -9.29 12.49
N ALA D 86 6.99 -8.65 11.34
CA ALA D 86 8.00 -7.59 11.26
C ALA D 86 7.63 -6.41 12.17
N LEU D 87 6.37 -6.00 12.12
CA LEU D 87 5.90 -4.86 12.90
C LEU D 87 5.92 -5.13 14.38
N LEU D 88 5.39 -6.28 14.80
CA LEU D 88 5.36 -6.62 16.24
C LEU D 88 6.71 -6.93 16.83
N LYS D 89 7.58 -7.57 16.04
CA LYS D 89 8.97 -7.79 16.45
C LYS D 89 9.66 -6.49 16.82
N ALA D 90 9.52 -5.47 15.98
CA ALA D 90 10.13 -4.15 16.24
C ALA D 90 9.38 -3.35 17.31
N SER D 91 8.05 -3.44 17.31
CA SER D 91 7.20 -2.66 18.23
C SER D 91 7.24 -3.14 19.68
N THR D 92 7.50 -4.42 19.91
CA THR D 92 7.33 -5.02 21.24
C THR D 92 8.09 -4.25 22.32
N ILE D 93 9.38 -4.04 22.14
CA ILE D 93 10.16 -3.29 23.13
C ILE D 93 9.64 -1.87 23.35
N GLU D 94 9.24 -1.20 22.29
CA GLU D 94 8.73 0.18 22.37
C GLU D 94 7.40 0.22 23.13
N ILE D 95 6.53 -0.76 22.90
CA ILE D 95 5.26 -0.85 23.64
C ILE D 95 5.54 -1.16 25.12
N MET D 96 6.47 -2.08 25.39
CA MET D 96 6.91 -2.37 26.77
C MET D 96 7.40 -1.12 27.48
N LEU D 97 8.14 -0.27 26.78
CA LEU D 97 8.62 1.00 27.33
C LEU D 97 7.48 1.98 27.62
N LEU D 98 6.49 2.06 26.73
CA LEU D 98 5.30 2.88 26.99
C LEU D 98 4.56 2.36 28.22
N GLU D 99 4.40 1.04 28.30
CA GLU D 99 3.71 0.42 29.43
C GLU D 99 4.49 0.57 30.74
N THR D 100 5.81 0.51 30.65
CA THR D 100 6.71 0.80 31.78
C THR D 100 6.53 2.24 32.28
N ALA D 101 6.54 3.19 31.35
CA ALA D 101 6.30 4.61 31.68
C ALA D 101 4.95 4.82 32.36
N ARG D 102 3.93 4.14 31.82
CA ARG D 102 2.59 4.19 32.36
C ARG D 102 2.49 3.69 33.82
N ARG D 103 3.36 2.77 34.20
CA ARG D 103 3.41 2.19 35.55
C ARG D 103 4.41 2.86 36.50
N TYR D 104 4.99 3.99 36.08
CA TYR D 104 5.97 4.72 36.89
C TYR D 104 5.26 5.57 37.96
N ASN D 105 5.78 5.51 39.18
CA ASN D 105 5.27 6.28 40.32
C ASN D 105 6.35 7.30 40.68
N HIS D 106 6.07 8.57 40.48
CA HIS D 106 7.06 9.64 40.66
C HIS D 106 7.48 9.89 42.11
N GLU D 107 6.56 9.69 43.05
CA GLU D 107 6.83 9.85 44.48
C GLU D 107 7.92 8.90 44.99
N THR D 108 7.75 7.62 44.66
CA THR D 108 8.71 6.57 45.03
C THR D 108 9.85 6.43 44.02
N GLU D 109 9.63 6.92 42.79
CA GLU D 109 10.52 6.69 41.65
C GLU D 109 10.69 5.19 41.31
N CYS D 110 9.62 4.43 41.52
CA CYS D 110 9.59 2.99 41.25
C CYS D 110 8.54 2.66 40.19
N ILE D 111 8.72 1.52 39.53
CA ILE D 111 7.79 1.03 38.48
C ILE D 111 7.08 -0.19 39.02
N THR D 112 5.75 -0.24 38.90
CA THR D 112 4.97 -1.38 39.40
C THR D 112 4.36 -2.20 38.26
N PHE D 113 4.78 -3.47 38.16
CA PHE D 113 4.21 -4.40 37.18
C PHE D 113 3.26 -5.38 37.87
N LEU D 114 2.16 -5.71 37.19
CA LEU D 114 1.14 -6.62 37.73
C LEU D 114 0.62 -6.24 39.14
N LYS D 115 0.56 -4.96 39.46
CA LYS D 115 -0.01 -4.48 40.72
C LYS D 115 0.82 -4.64 41.99
N ASP D 116 1.65 -5.69 42.10
CA ASP D 116 2.46 -5.90 43.30
C ASP D 116 3.97 -6.23 43.15
N PHE D 117 4.52 -6.03 41.96
CA PHE D 117 5.93 -6.17 41.69
C PHE D 117 6.42 -4.78 41.43
N THR D 118 7.05 -4.17 42.43
CA THR D 118 7.55 -2.79 42.33
C THR D 118 9.07 -2.78 42.31
N TYR D 119 9.65 -2.04 41.35
CA TYR D 119 11.07 -1.99 41.14
C TYR D 119 11.60 -0.56 41.13
N SER D 120 12.69 -0.33 41.87
CA SER D 120 13.50 0.87 41.73
C SER D 120 14.57 0.66 40.67
N LYS D 121 15.32 1.70 40.35
CA LYS D 121 16.47 1.58 39.44
C LYS D 121 17.42 0.45 39.86
N ASP D 122 17.71 0.36 41.17
CA ASP D 122 18.60 -0.69 41.67
C ASP D 122 18.02 -2.10 41.54
N ASP D 123 16.70 -2.23 41.71
CA ASP D 123 16.03 -3.52 41.49
C ASP D 123 16.15 -3.99 40.04
N PHE D 124 16.05 -3.05 39.08
CA PHE D 124 16.30 -3.34 37.67
C PHE D 124 17.73 -3.87 37.46
N HIS D 125 18.70 -3.26 38.12
CA HIS D 125 20.09 -3.71 38.08
C HIS D 125 20.23 -5.11 38.67
N ARG D 126 19.59 -5.34 39.81
CA ARG D 126 19.59 -6.66 40.45
C ARG D 126 18.89 -7.75 39.61
N ALA D 127 17.97 -7.35 38.75
CA ALA D 127 17.33 -8.25 37.78
C ALA D 127 18.21 -8.54 36.54
N GLY D 128 19.39 -7.92 36.43
CA GLY D 128 20.33 -8.22 35.37
C GLY D 128 20.49 -7.18 34.27
N LEU D 129 19.80 -6.04 34.37
CA LEU D 129 19.92 -4.97 33.36
C LEU D 129 21.11 -4.05 33.66
N GLN D 130 21.71 -3.49 32.63
CA GLN D 130 22.80 -2.52 32.73
C GLN D 130 22.27 -1.10 32.90
N VAL D 131 23.09 -0.30 33.59
CA VAL D 131 22.76 1.09 33.91
CA VAL D 131 22.77 1.09 33.92
C VAL D 131 22.57 1.94 32.65
N GLU D 132 23.28 1.58 31.58
CA GLU D 132 23.16 2.27 30.27
C GLU D 132 21.76 2.16 29.65
N PHE D 133 21.00 1.12 30.03
CA PHE D 133 19.61 0.94 29.60
C PHE D 133 18.64 1.42 30.69
N ILE D 134 18.94 1.11 31.94
CA ILE D 134 18.07 1.47 33.07
C ILE D 134 17.88 3.00 33.19
N ASN D 135 18.98 3.76 33.11
CA ASN D 135 18.87 5.22 33.26
C ASN D 135 17.94 5.84 32.20
N PRO D 136 18.15 5.55 30.90
CA PRO D 136 17.21 6.04 29.88
C PRO D 136 15.76 5.58 30.04
N ILE D 137 15.53 4.36 30.54
CA ILE D 137 14.16 3.90 30.82
C ILE D 137 13.47 4.82 31.82
N PHE D 138 14.18 5.14 32.91
CA PHE D 138 13.62 5.98 33.96
C PHE D 138 13.49 7.45 33.56
N GLU D 139 14.44 7.95 32.75
CA GLU D 139 14.32 9.29 32.18
C GLU D 139 13.10 9.40 31.28
N PHE D 140 12.91 8.39 30.42
CA PHE D 140 11.72 8.32 29.54
C PHE D 140 10.43 8.28 30.34
N SER D 141 10.40 7.46 31.39
CA SER D 141 9.23 7.33 32.25
C SER D 141 8.85 8.66 32.94
N ARG D 142 9.86 9.35 33.46
CA ARG D 142 9.69 10.68 34.05
C ARG D 142 9.14 11.68 33.03
N ALA D 143 9.72 11.69 31.82
CA ALA D 143 9.29 12.59 30.76
C ALA D 143 7.85 12.31 30.30
N MET D 144 7.48 11.03 30.19
CA MET D 144 6.13 10.63 29.84
C MET D 144 5.12 11.04 30.91
N ARG D 145 5.49 10.86 32.17
CA ARG D 145 4.62 11.25 33.26
C ARG D 145 4.25 12.75 33.22
N ARG D 146 5.23 13.59 32.89
CA ARG D 146 4.98 15.03 32.76
C ARG D 146 3.90 15.40 31.73
N LEU D 147 3.74 14.59 30.68
CA LEU D 147 2.70 14.82 29.68
C LEU D 147 1.28 14.54 30.17
N GLY D 148 1.14 13.73 31.21
CA GLY D 148 -0.18 13.40 31.77
C GLY D 148 -1.07 12.71 30.74
N LEU D 149 -0.53 11.68 30.10
CA LEU D 149 -1.27 10.93 29.10
C LEU D 149 -2.38 10.14 29.78
N ASP D 150 -3.55 10.11 29.15
CA ASP D 150 -4.67 9.30 29.65
C ASP D 150 -4.71 7.96 28.91
N ASP D 151 -5.66 7.11 29.30
CA ASP D 151 -5.79 5.77 28.71
C ASP D 151 -5.99 5.78 27.19
N ALA D 152 -6.79 6.73 26.70
CA ALA D 152 -7.03 6.89 25.27
C ALA D 152 -5.74 7.19 24.50
N GLU D 153 -4.93 8.09 25.06
CA GLU D 153 -3.69 8.52 24.42
C GLU D 153 -2.66 7.39 24.38
N TYR D 154 -2.51 6.64 25.47
CA TYR D 154 -1.63 5.46 25.50
C TYR D 154 -2.05 4.41 24.46
N ALA D 155 -3.35 4.10 24.43
CA ALA D 155 -3.91 3.14 23.47
C ALA D 155 -3.64 3.56 22.01
N LEU D 156 -3.87 4.83 21.70
CA LEU D 156 -3.63 5.36 20.36
C LEU D 156 -2.15 5.39 20.00
N LEU D 157 -1.30 5.76 20.95
CA LEU D 157 0.15 5.78 20.72
C LEU D 157 0.68 4.38 20.40
N ILE D 158 0.13 3.38 21.09
CA ILE D 158 0.48 1.98 20.85
C ILE D 158 0.07 1.56 19.43
N ALA D 159 -1.16 1.90 19.02
CA ALA D 159 -1.64 1.58 17.67
C ALA D 159 -0.78 2.26 16.60
N ILE D 160 -0.45 3.53 16.82
CA ILE D 160 0.41 4.27 15.91
C ILE D 160 1.77 3.57 15.79
N ASN D 161 2.31 3.16 16.94
CA ASN D 161 3.60 2.47 16.99
C ASN D 161 3.59 1.15 16.22
N ILE D 162 2.53 0.37 16.35
CA ILE D 162 2.42 -0.92 15.65
C ILE D 162 2.49 -0.73 14.13
N PHE D 163 1.72 0.23 13.61
CA PHE D 163 1.62 0.44 12.16
C PHE D 163 2.68 1.40 11.65
N SER D 164 3.95 1.07 11.88
CA SER D 164 5.07 1.90 11.46
C SER D 164 5.61 1.38 10.12
N ALA D 165 5.34 2.12 9.05
CA ALA D 165 5.68 1.66 7.69
C ALA D 165 7.20 1.66 7.44
N ASP D 166 7.96 2.39 8.27
CA ASP D 166 9.39 2.53 8.10
C ASP D 166 10.26 1.44 8.76
N ARG D 167 9.66 0.38 9.32
CA ARG D 167 10.45 -0.66 9.98
C ARG D 167 11.19 -1.44 8.88
N PRO D 168 12.43 -1.93 9.18
CA PRO D 168 13.08 -2.80 8.20
C PRO D 168 12.25 -4.05 7.93
N ASN D 169 12.34 -4.55 6.70
CA ASN D 169 11.71 -5.82 6.28
C ASN D 169 10.17 -5.77 6.15
N VAL D 170 9.57 -4.58 6.17
CA VAL D 170 8.14 -4.44 5.88
C VAL D 170 7.94 -4.63 4.38
N GLN D 171 7.03 -5.54 4.03
CA GLN D 171 6.73 -5.90 2.65
C GLN D 171 5.77 -4.93 1.95
N GLU D 172 4.83 -4.39 2.72
CA GLU D 172 3.77 -3.53 2.17
C GLU D 172 3.68 -2.22 2.95
N PRO D 173 4.70 -1.34 2.82
CA PRO D 173 4.69 -0.08 3.61
C PRO D 173 3.51 0.83 3.34
N GLY D 174 3.05 0.88 2.09
CA GLY D 174 1.85 1.63 1.71
C GLY D 174 0.60 1.19 2.46
N ARG D 175 0.40 -0.12 2.56
CA ARG D 175 -0.72 -0.68 3.33
C ARG D 175 -0.59 -0.34 4.82
N VAL D 176 0.62 -0.49 5.35
CA VAL D 176 0.88 -0.22 6.76
C VAL D 176 0.58 1.24 7.09
N GLU D 177 1.06 2.15 6.25
CA GLU D 177 0.81 3.60 6.43
C GLU D 177 -0.66 3.94 6.35
N ALA D 178 -1.39 3.30 5.45
CA ALA D 178 -2.85 3.48 5.34
C ALA D 178 -3.56 3.04 6.61
N LEU D 179 -3.14 1.92 7.19
CA LEU D 179 -3.71 1.42 8.44
C LEU D 179 -3.32 2.27 9.66
N GLN D 180 -2.16 2.91 9.61
CA GLN D 180 -1.72 3.84 10.67
C GLN D 180 -2.56 5.10 10.72
N GLN D 181 -2.98 5.58 9.55
CA GLN D 181 -3.60 6.92 9.41
C GLN D 181 -4.75 7.19 10.35
N PRO D 182 -5.77 6.30 10.43
CA PRO D 182 -6.89 6.58 11.36
C PRO D 182 -6.47 6.82 12.82
N TYR D 183 -5.40 6.17 13.27
CA TYR D 183 -4.89 6.33 14.64
C TYR D 183 -4.19 7.65 14.82
N VAL D 184 -3.41 8.07 13.81
CA VAL D 184 -2.78 9.39 13.82
C VAL D 184 -3.87 10.48 13.82
N GLU D 185 -4.87 10.33 12.94
CA GLU D 185 -6.00 11.26 12.86
C GLU D 185 -6.77 11.31 14.16
N ALA D 186 -7.03 10.15 14.77
CA ALA D 186 -7.76 10.08 16.04
C ALA D 186 -7.01 10.74 17.17
N LEU D 187 -5.70 10.53 17.26
CA LEU D 187 -4.87 11.19 18.27
C LEU D 187 -4.84 12.70 18.09
N LEU D 188 -4.71 13.15 16.83
CA LEU D 188 -4.78 14.59 16.53
C LEU D 188 -6.10 15.19 16.99
N SER D 189 -7.20 14.58 16.58
CA SER D 189 -8.56 15.01 16.98
C SER D 189 -8.77 14.95 18.49
N TYR D 190 -8.37 13.85 19.11
CA TYR D 190 -8.55 13.68 20.57
C TYR D 190 -7.82 14.75 21.35
N THR D 191 -6.55 14.98 21.04
CA THR D 191 -5.75 15.96 21.77
C THR D 191 -6.24 17.40 21.53
N ARG D 192 -6.66 17.70 20.31
CA ARG D 192 -7.18 19.03 19.97
C ARG D 192 -8.51 19.30 20.66
N ILE D 193 -9.40 18.30 20.65
CA ILE D 193 -10.80 18.52 21.07
C ILE D 193 -10.93 18.23 22.55
N LYS D 194 -10.57 17.03 22.97
CA LYS D 194 -10.72 16.59 24.38
C LYS D 194 -9.74 17.24 25.33
N ARG D 195 -8.54 17.61 24.87
CA ARG D 195 -7.51 18.18 25.74
C ARG D 195 -6.86 19.44 25.16
N PRO D 196 -7.66 20.50 24.90
CA PRO D 196 -7.13 21.71 24.24
C PRO D 196 -6.20 22.58 25.11
N GLN D 197 -6.08 22.29 26.41
CA GLN D 197 -5.45 23.24 27.34
C GLN D 197 -3.97 23.50 26.98
N ASP D 198 -3.27 22.45 26.53
CA ASP D 198 -1.85 22.52 26.18
C ASP D 198 -1.80 22.15 24.72
N GLN D 199 -1.62 23.15 23.85
CA GLN D 199 -1.65 22.95 22.40
C GLN D 199 -0.43 22.24 21.83
N LEU D 200 0.67 22.18 22.59
CA LEU D 200 1.91 21.52 22.13
C LEU D 200 2.01 20.07 22.59
N ARG D 201 1.02 19.57 23.32
CA ARG D 201 1.04 18.20 23.78
C ARG D 201 1.07 17.20 22.63
N PHE D 202 0.32 17.41 21.56
CA PHE D 202 0.32 16.48 20.43
C PHE D 202 1.70 16.31 19.76
N PRO D 203 2.36 17.41 19.36
CA PRO D 203 3.72 17.23 18.82
C PRO D 203 4.70 16.62 19.82
N ARG D 204 4.58 16.97 21.10
CA ARG D 204 5.43 16.39 22.15
C ARG D 204 5.25 14.87 22.27
N MET D 205 4.01 14.41 22.15
CA MET D 205 3.69 12.97 22.09
C MET D 205 4.34 12.28 20.94
N LEU D 206 4.24 12.85 19.74
CA LEU D 206 4.86 12.27 18.56
C LEU D 206 6.39 12.26 18.68
N MET D 207 6.96 13.27 19.34
CA MET D 207 8.40 13.29 19.61
C MET D 207 8.82 12.14 20.53
N LYS D 208 7.93 11.68 21.39
CA LYS D 208 8.23 10.50 22.24
C LYS D 208 8.36 9.22 21.41
N LEU D 209 7.63 9.12 20.29
CA LEU D 209 7.81 8.01 19.36
C LEU D 209 9.22 8.02 18.76
N VAL D 210 9.77 9.23 18.59
CA VAL D 210 11.15 9.38 18.12
C VAL D 210 12.10 8.80 19.19
N SER D 211 11.91 9.21 20.44
CA SER D 211 12.70 8.71 21.57
C SER D 211 12.64 7.20 21.72
N LEU D 212 11.47 6.62 21.49
CA LEU D 212 11.31 5.15 21.52
CA LEU D 212 11.32 5.15 21.52
C LEU D 212 12.23 4.43 20.53
N ARG D 213 12.44 5.01 19.37
CA ARG D 213 13.35 4.41 18.37
C ARG D 213 14.78 4.36 18.89
N THR D 214 15.22 5.44 19.51
CA THR D 214 16.52 5.45 20.16
C THR D 214 16.58 4.43 21.30
N LEU D 215 15.53 4.36 22.11
CA LEU D 215 15.49 3.39 23.23
C LEU D 215 15.56 1.93 22.73
N SER D 216 14.99 1.67 21.55
CA SER D 216 15.11 0.37 20.90
CA SER D 216 15.13 0.36 20.91
C SER D 216 16.58 0.01 20.61
N SER D 217 17.36 0.99 20.15
CA SER D 217 18.79 0.80 19.91
C SER D 217 19.56 0.54 21.21
N VAL D 218 19.22 1.27 22.28
CA VAL D 218 19.82 1.08 23.59
C VAL D 218 19.48 -0.33 24.14
N HIS D 219 18.24 -0.74 23.91
CA HIS D 219 17.82 -2.10 24.26
C HIS D 219 18.60 -3.19 23.49
N SER D 220 18.85 -2.95 22.21
CA SER D 220 19.64 -3.89 21.40
C SER D 220 21.06 -4.07 21.97
N GLU D 221 21.63 -2.98 22.47
CA GLU D 221 22.92 -3.02 23.16
C GLU D 221 22.83 -3.83 24.46
N GLN D 222 21.74 -3.67 25.20
CA GLN D 222 21.47 -4.48 26.39
C GLN D 222 21.39 -5.98 26.04
N VAL D 223 20.68 -6.31 24.97
CA VAL D 223 20.54 -7.70 24.51
C VAL D 223 21.92 -8.28 24.14
N PHE D 224 22.74 -7.48 23.44
CA PHE D 224 24.12 -7.87 23.12
C PHE D 224 24.95 -8.13 24.38
N ALA D 225 24.82 -7.25 25.39
CA ALA D 225 25.54 -7.40 26.66
C ALA D 225 25.20 -8.69 27.40
N LEU D 226 23.95 -9.12 27.32
CA LEU D 226 23.53 -10.40 27.91
C LEU D 226 24.18 -11.59 27.21
N ARG D 227 24.36 -11.48 25.90
CA ARG D 227 25.04 -12.51 25.09
C ARG D 227 26.48 -12.73 25.55
N LEU D 228 27.19 -11.64 25.88
CA LEU D 228 28.57 -11.73 26.35
C LEU D 228 28.66 -12.27 27.78
N GLN D 229 27.64 -12.03 28.60
CA GLN D 229 27.52 -12.66 29.93
C GLN D 229 26.99 -14.09 29.76
N ASP D 230 26.75 -14.78 30.87
CA ASP D 230 26.19 -16.14 30.82
C ASP D 230 24.65 -16.20 30.67
N LYS D 231 23.99 -15.12 30.16
CA LYS D 231 22.55 -14.97 30.38
C LYS D 231 21.77 -15.21 29.11
N LYS D 232 21.12 -16.37 29.04
CA LYS D 232 20.27 -16.71 27.90
C LYS D 232 18.85 -16.22 28.12
N LEU D 233 18.28 -15.59 27.09
CA LEU D 233 16.86 -15.27 27.08
C LEU D 233 16.02 -16.52 26.82
N PRO D 234 14.80 -16.58 27.39
CA PRO D 234 13.90 -17.66 27.01
C PRO D 234 13.52 -17.57 25.52
N PRO D 235 13.15 -18.72 24.90
CA PRO D 235 12.99 -18.83 23.44
C PRO D 235 12.15 -17.74 22.78
N LEU D 236 11.02 -17.37 23.39
CA LEU D 236 10.14 -16.34 22.82
C LEU D 236 10.87 -15.01 22.70
N LEU D 237 11.52 -14.60 23.79
CA LEU D 237 12.26 -13.32 23.81
C LEU D 237 13.50 -13.38 22.89
N SER D 238 14.17 -14.53 22.87
CA SER D 238 15.30 -14.75 21.95
C SER D 238 14.89 -14.62 20.50
N GLU D 239 13.74 -15.20 20.14
CA GLU D 239 13.22 -15.12 18.78
C GLU D 239 12.95 -13.67 18.34
N ILE D 240 12.41 -12.86 19.24
CA ILE D 240 12.04 -11.47 18.94
C ILE D 240 13.27 -10.54 19.01
N TRP D 241 14.19 -10.79 19.94
CA TRP D 241 15.30 -9.86 20.21
C TRP D 241 16.72 -10.25 19.77
N ASP D 242 17.05 -11.53 19.79
CA ASP D 242 18.41 -11.98 19.46
C ASP D 242 18.67 -11.93 17.95
N VAL D 243 19.88 -11.52 17.61
CA VAL D 243 20.32 -11.32 16.23
C VAL D 243 20.34 -12.54 15.26
#